data_3OIY
#
_entry.id   3OIY
#
_cell.length_a   59.646
_cell.length_b   126.514
_cell.length_c   132.707
_cell.angle_alpha   90.00
_cell.angle_beta   90.00
_cell.angle_gamma   90.00
#
_symmetry.space_group_name_H-M   'P 21 21 21'
#
loop_
_entity.id
_entity.type
_entity.pdbx_description
1 polymer 'reverse gyrase helicase domain'
2 non-polymer 'PYROPHOSPHATE 2-'
3 non-polymer 'CHLORIDE ION'
4 water water
#
_entity_poly.entity_id   1
_entity_poly.type   'polypeptide(L)'
_entity_poly.pdbx_seq_one_letter_code
;AEFWNEYEDFRSFFKKKFGKDLTGYQRLWAKRIVQGKSFTMVAPTGVGKTTFGMMTALWLARKGKKSALVFPTVTLVKQT
LERLQKLADEKVKIFGFYSSMKKEEKEKFEKSFEEDDYHILVFSTQFVSKNREKLSQKRFDFVFVDDVDAVLKASRNIDT
LLMMVGIPEEIIRKAFSTIKQGKIYERPKNLKPGILVVSSATAKPRGIRPLLFRDLLNFTVGRLVSVARNITHVRISSRS
KEKLVELLEIFRDGILIFAQTEEEGKELYEYLKRFKFNVGETWSEFEKNFEDFKVGKINILIGVQAYYGKLTRGVDLPER
IKYVIFWGTPSGPDVYTYIQASGRSSRILNGVLVKGVSVIFEEDEEIFESLKTRLLLIAEEEIIEEAEANWKELVHEVEE
SRRRSERELTDTSR
;
_entity_poly.pdbx_strand_id   A,B
#
loop_
_chem_comp.id
_chem_comp.type
_chem_comp.name
_chem_comp.formula
CL non-polymer 'CHLORIDE ION' 'Cl -1'
POP non-polymer 'PYROPHOSPHATE 2-' 'H2 O7 P2 -2'
#
# COMPACT_ATOMS: atom_id res chain seq x y z
N ALA A 1 -18.26 1.00 -13.00
CA ALA A 1 -18.67 1.98 -14.00
C ALA A 1 -17.47 2.43 -14.85
N GLU A 2 -17.61 2.29 -16.17
CA GLU A 2 -16.59 2.70 -17.15
C GLU A 2 -16.38 4.20 -17.09
N PHE A 3 -15.12 4.63 -17.20
CA PHE A 3 -14.72 6.03 -17.05
C PHE A 3 -13.75 6.54 -18.12
N TRP A 4 -13.17 5.64 -18.92
CA TRP A 4 -12.15 6.02 -19.92
C TRP A 4 -12.55 7.09 -20.96
N ASN A 5 -13.80 7.08 -21.42
CA ASN A 5 -14.25 8.08 -22.39
C ASN A 5 -14.40 9.49 -21.80
N GLU A 6 -14.83 9.55 -20.53
CA GLU A 6 -14.95 10.80 -19.75
C GLU A 6 -13.56 11.38 -19.45
N TYR A 7 -12.62 10.48 -19.15
CA TYR A 7 -11.21 10.83 -18.90
C TYR A 7 -10.55 11.47 -20.15
N GLU A 8 -10.76 10.86 -21.32
CA GLU A 8 -10.21 11.39 -22.59
C GLU A 8 -10.86 12.73 -22.96
N ASP A 9 -12.15 12.87 -22.64
CA ASP A 9 -12.92 14.10 -22.84
C ASP A 9 -12.33 15.22 -21.96
N PHE A 10 -12.05 14.89 -20.69
CA PHE A 10 -11.39 15.80 -19.73
C PHE A 10 -9.99 16.16 -20.25
N ARG A 11 -9.22 15.14 -20.61
CA ARG A 11 -7.85 15.26 -21.13
C ARG A 11 -7.75 16.19 -22.36
N SER A 12 -8.69 16.04 -23.30
CA SER A 12 -8.78 16.86 -24.51
C SER A 12 -9.19 18.30 -24.22
N PHE A 13 -10.17 18.47 -23.33
CA PHE A 13 -10.64 19.79 -22.89
C PHE A 13 -9.50 20.56 -22.23
N PHE A 14 -8.75 19.89 -21.35
CA PHE A 14 -7.58 20.46 -20.68
C PHE A 14 -6.52 20.93 -21.68
N LYS A 15 -6.10 20.06 -22.60
CA LYS A 15 -5.10 20.44 -23.61
C LYS A 15 -5.55 21.62 -24.49
N LYS A 16 -6.81 21.60 -24.93
CA LYS A 16 -7.39 22.66 -25.76
C LYS A 16 -7.46 24.02 -25.05
N LYS A 17 -8.02 24.04 -23.82
CA LYS A 17 -8.19 25.26 -23.00
C LYS A 17 -6.93 25.75 -22.29
N PHE A 18 -6.16 24.87 -21.65
CA PHE A 18 -4.92 25.29 -20.98
C PHE A 18 -3.76 25.54 -21.97
N GLY A 19 -3.75 24.79 -23.07
CA GLY A 19 -2.71 24.94 -24.09
C GLY A 19 -1.63 23.87 -24.02
N LYS A 20 -1.53 23.22 -22.86
CA LYS A 20 -0.57 22.13 -22.63
C LYS A 20 -1.28 20.88 -22.12
N ASP A 21 -0.61 19.73 -22.21
CA ASP A 21 -1.14 18.43 -21.75
C ASP A 21 -1.13 18.37 -20.22
N LEU A 22 -1.98 17.50 -19.66
CA LEU A 22 -2.05 17.23 -18.23
C LEU A 22 -0.68 16.69 -17.82
N THR A 23 -0.18 17.06 -16.65
CA THR A 23 1.08 16.50 -16.15
C THR A 23 0.81 15.10 -15.56
N GLY A 24 1.88 14.40 -15.16
CA GLY A 24 1.78 13.10 -14.53
C GLY A 24 0.82 13.10 -13.36
N TYR A 25 0.95 14.05 -12.43
CA TYR A 25 0.05 14.19 -11.28
C TYR A 25 -1.38 14.54 -11.68
N GLN A 26 -1.55 15.50 -12.59
CA GLN A 26 -2.87 15.91 -13.09
C GLN A 26 -3.63 14.77 -13.80
N ARG A 27 -2.91 13.87 -14.47
CA ARG A 27 -3.50 12.66 -15.08
C ARG A 27 -4.15 11.79 -14.02
N LEU A 28 -3.43 11.62 -12.90
CA LEU A 28 -3.90 10.86 -11.75
C LEU A 28 -5.11 11.52 -11.12
N TRP A 29 -5.06 12.85 -10.98
CA TRP A 29 -6.15 13.64 -10.39
C TRP A 29 -7.37 13.66 -11.30
N ALA A 30 -7.17 13.71 -12.61
CA ALA A 30 -8.24 13.65 -13.61
C ALA A 30 -8.99 12.32 -13.54
N LYS A 31 -8.26 11.20 -13.45
CA LYS A 31 -8.88 9.86 -13.35
C LYS A 31 -9.81 9.72 -12.13
N ARG A 32 -9.55 10.48 -11.07
CA ARG A 32 -10.39 10.52 -9.86
C ARG A 32 -11.63 11.39 -10.04
N ILE A 33 -11.43 12.62 -10.54
CA ILE A 33 -12.50 13.60 -10.78
C ILE A 33 -13.62 13.05 -11.67
N VAL A 34 -13.19 12.39 -12.73
CA VAL A 34 -14.00 11.75 -13.75
C VAL A 34 -14.84 10.55 -13.19
N GLN A 35 -14.40 9.99 -12.07
CA GLN A 35 -15.10 8.92 -11.35
C GLN A 35 -15.91 9.41 -10.14
N GLY A 36 -15.87 10.72 -9.88
CA GLY A 36 -16.61 11.34 -8.78
C GLY A 36 -15.94 11.24 -7.41
N LYS A 37 -14.66 10.88 -7.40
CA LYS A 37 -13.90 10.69 -6.15
C LYS A 37 -13.33 12.00 -5.58
N SER A 38 -13.28 12.02 -4.26
CA SER A 38 -12.71 13.08 -3.44
C SER A 38 -11.27 12.67 -3.10
N PHE A 39 -10.39 13.63 -2.91
CA PHE A 39 -9.01 13.28 -2.63
C PHE A 39 -8.18 14.48 -2.14
N THR A 40 -7.02 14.17 -1.59
CA THR A 40 -6.03 15.16 -1.18
C THR A 40 -4.96 15.17 -2.26
N MET A 41 -4.61 16.38 -2.74
CA MET A 41 -3.55 16.51 -3.75
C MET A 41 -2.21 16.40 -3.04
N VAL A 42 -1.53 15.27 -3.23
CA VAL A 42 -0.21 15.04 -2.64
C VAL A 42 0.84 15.23 -3.74
N ALA A 43 1.43 16.43 -3.75
CA ALA A 43 2.43 16.93 -4.74
C ALA A 43 3.01 18.28 -4.22
N PRO A 44 4.23 18.71 -4.68
CA PRO A 44 4.74 20.01 -4.19
C PRO A 44 4.04 21.25 -4.80
N THR A 45 4.70 22.41 -4.75
CA THR A 45 4.13 23.66 -5.26
C THR A 45 4.75 24.02 -6.63
N GLY A 46 3.89 24.31 -7.62
CA GLY A 46 4.30 24.67 -8.96
C GLY A 46 4.04 23.60 -10.03
N VAL A 47 3.35 22.51 -9.66
CA VAL A 47 3.02 21.41 -10.57
C VAL A 47 1.56 21.42 -11.14
N GLY A 48 0.86 22.53 -10.93
CA GLY A 48 -0.48 22.78 -11.46
C GLY A 48 -1.70 22.43 -10.60
N LYS A 49 -1.64 22.69 -9.29
CA LYS A 49 -2.74 22.35 -8.37
C LYS A 49 -3.95 23.25 -8.56
N THR A 50 -3.72 24.56 -8.54
CA THR A 50 -4.76 25.58 -8.77
C THR A 50 -5.32 25.54 -10.18
N THR A 51 -4.43 25.37 -11.17
CA THR A 51 -4.78 25.23 -12.58
C THR A 51 -5.74 24.06 -12.76
N PHE A 52 -5.38 22.92 -12.16
CA PHE A 52 -6.20 21.72 -12.22
C PHE A 52 -7.62 21.91 -11.64
N GLY A 53 -7.73 22.52 -10.45
CA GLY A 53 -9.02 22.82 -9.83
C GLY A 53 -9.83 23.80 -10.67
N MET A 54 -9.13 24.77 -11.26
CA MET A 54 -9.76 25.74 -12.14
C MET A 54 -10.30 25.11 -13.44
N MET A 55 -9.52 24.21 -14.05
CA MET A 55 -9.92 23.51 -15.27
C MET A 55 -11.05 22.48 -15.02
N THR A 56 -11.02 21.82 -13.86
CA THR A 56 -12.06 20.88 -13.43
C THR A 56 -13.43 21.58 -13.35
N ALA A 57 -13.47 22.71 -12.65
CA ALA A 57 -14.66 23.57 -12.51
C ALA A 57 -15.25 23.97 -13.88
N LEU A 58 -14.37 24.32 -14.81
CA LEU A 58 -14.73 24.71 -16.17
C LEU A 58 -15.34 23.54 -16.96
N TRP A 59 -14.71 22.36 -16.85
CA TRP A 59 -15.19 21.14 -17.52
C TRP A 59 -16.56 20.69 -16.99
N LEU A 60 -16.73 20.74 -15.67
CA LEU A 60 -17.98 20.39 -14.98
C LEU A 60 -19.11 21.35 -15.38
N ALA A 61 -18.79 22.63 -15.54
CA ALA A 61 -19.72 23.69 -15.98
C ALA A 61 -20.36 23.41 -17.34
N ARG A 62 -19.62 22.81 -18.27
CA ARG A 62 -20.12 22.43 -19.61
C ARG A 62 -21.32 21.47 -19.52
N LYS A 63 -21.34 20.68 -18.45
CA LYS A 63 -22.39 19.70 -18.12
C LYS A 63 -23.45 20.29 -17.20
N GLY A 64 -23.35 21.60 -16.92
CA GLY A 64 -24.26 22.30 -16.04
C GLY A 64 -24.01 22.12 -14.55
N LYS A 65 -22.86 21.54 -14.19
CA LYS A 65 -22.51 21.28 -12.79
C LYS A 65 -21.88 22.49 -12.06
N LYS A 66 -22.04 22.51 -10.74
CA LYS A 66 -21.63 23.67 -9.92
C LYS A 66 -20.35 23.45 -9.10
N SER A 67 -19.52 24.49 -9.01
CA SER A 67 -18.23 24.40 -8.30
C SER A 67 -17.99 25.58 -7.38
N ALA A 68 -17.27 25.33 -6.29
CA ALA A 68 -16.84 26.37 -5.36
C ALA A 68 -15.32 26.24 -5.21
N LEU A 69 -14.59 27.32 -5.52
CA LEU A 69 -13.13 27.36 -5.43
C LEU A 69 -12.79 28.28 -4.25
N VAL A 70 -12.18 27.70 -3.20
CA VAL A 70 -11.93 28.37 -1.91
C VAL A 70 -10.43 28.61 -1.67
N PHE A 71 -10.04 29.86 -1.48
CA PHE A 71 -8.62 30.21 -1.34
C PHE A 71 -8.32 30.92 0.00
N PRO A 72 -7.08 30.80 0.52
CA PRO A 72 -6.77 31.50 1.78
C PRO A 72 -6.56 33.02 1.62
N THR A 73 -6.28 33.48 0.41
CA THR A 73 -5.97 34.90 0.16
C THR A 73 -6.89 35.52 -0.91
N VAL A 74 -7.06 36.83 -0.80
CA VAL A 74 -7.85 37.67 -1.72
C VAL A 74 -7.21 37.72 -3.12
N THR A 75 -5.87 37.79 -3.18
CA THR A 75 -5.17 37.83 -4.46
C THR A 75 -5.35 36.52 -5.26
N LEU A 76 -5.40 35.38 -4.56
CA LEU A 76 -5.73 34.09 -5.18
C LEU A 76 -7.16 34.06 -5.71
N VAL A 77 -8.11 34.69 -5.00
CA VAL A 77 -9.50 34.83 -5.47
C VAL A 77 -9.55 35.67 -6.75
N LYS A 78 -8.93 36.85 -6.72
CA LYS A 78 -8.84 37.80 -7.85
C LYS A 78 -8.19 37.20 -9.10
N GLN A 79 -7.02 36.57 -8.93
CA GLN A 79 -6.28 35.93 -10.04
C GLN A 79 -7.03 34.78 -10.70
N THR A 80 -7.71 33.96 -9.89
CA THR A 80 -8.45 32.80 -10.38
C THR A 80 -9.68 33.24 -11.15
N LEU A 81 -10.36 34.27 -10.63
CA LEU A 81 -11.49 34.91 -11.30
C LEU A 81 -11.12 35.44 -12.68
N GLU A 82 -10.00 36.17 -12.74
CA GLU A 82 -9.44 36.77 -13.97
C GLU A 82 -9.14 35.72 -15.03
N ARG A 83 -8.41 34.67 -14.63
CA ARG A 83 -8.06 33.56 -15.50
C ARG A 83 -9.32 32.84 -15.98
N LEU A 84 -10.28 32.62 -15.08
CA LEU A 84 -11.54 31.96 -15.43
C LEU A 84 -12.35 32.74 -16.45
N GLN A 85 -12.54 34.05 -16.22
CA GLN A 85 -13.32 34.90 -17.12
C GLN A 85 -12.72 35.07 -18.52
N LYS A 86 -11.40 34.85 -18.66
CA LYS A 86 -10.71 34.85 -19.96
C LYS A 86 -10.81 33.50 -20.67
N LEU A 87 -10.87 32.41 -19.89
CA LEU A 87 -10.98 31.03 -20.39
C LEU A 87 -12.43 30.57 -20.67
N ALA A 88 -13.38 31.18 -19.98
CA ALA A 88 -14.81 30.86 -20.07
C ALA A 88 -15.46 31.01 -21.44
N ASP A 89 -16.43 30.12 -21.69
CA ASP A 89 -17.29 30.13 -22.87
C ASP A 89 -18.45 31.10 -22.56
N GLU A 90 -19.27 31.40 -23.57
CA GLU A 90 -20.41 32.32 -23.48
C GLU A 90 -21.46 31.91 -22.40
N LYS A 91 -21.79 30.61 -22.37
CA LYS A 91 -22.78 29.98 -21.48
C LYS A 91 -22.45 30.05 -19.97
N VAL A 92 -21.19 29.80 -19.60
CA VAL A 92 -20.74 29.72 -18.19
C VAL A 92 -20.81 31.01 -17.31
N LYS A 93 -21.51 30.83 -16.19
CA LYS A 93 -21.82 31.85 -15.17
C LYS A 93 -20.80 31.78 -14.02
N ILE A 94 -19.84 32.69 -14.03
CA ILE A 94 -18.78 32.77 -13.01
C ILE A 94 -18.92 34.04 -12.16
N PHE A 95 -18.89 33.88 -10.84
CA PHE A 95 -18.98 34.98 -9.88
C PHE A 95 -17.99 34.79 -8.74
N GLY A 96 -17.34 35.89 -8.34
CA GLY A 96 -16.41 35.88 -7.22
C GLY A 96 -16.77 36.88 -6.14
N PHE A 97 -16.13 36.76 -4.97
CA PHE A 97 -16.36 37.67 -3.83
C PHE A 97 -15.14 37.76 -2.90
N TYR A 98 -14.83 39.00 -2.54
CA TYR A 98 -13.84 39.35 -1.52
C TYR A 98 -14.32 40.70 -0.94
N SER A 99 -13.94 41.02 0.30
CA SER A 99 -14.43 42.23 0.98
C SER A 99 -14.02 43.59 0.35
N SER A 100 -12.85 43.65 -0.28
CA SER A 100 -12.37 44.87 -0.95
C SER A 100 -13.00 45.14 -2.34
N MET A 101 -14.03 44.35 -2.69
CA MET A 101 -14.75 44.44 -3.97
C MET A 101 -15.68 45.65 -4.01
N LYS A 102 -16.01 46.12 -5.23
CA LYS A 102 -16.96 47.22 -5.45
C LYS A 102 -18.37 46.76 -5.11
N LYS A 103 -19.21 47.67 -4.60
CA LYS A 103 -20.60 47.38 -4.23
C LYS A 103 -21.38 46.78 -5.41
N GLU A 104 -21.05 47.23 -6.63
CA GLU A 104 -21.62 46.74 -7.91
C GLU A 104 -21.36 45.25 -8.10
N GLU A 105 -20.09 44.86 -7.99
CA GLU A 105 -19.67 43.47 -8.16
C GLU A 105 -20.17 42.56 -7.04
N LYS A 106 -20.13 43.03 -5.79
CA LYS A 106 -20.62 42.28 -4.63
C LYS A 106 -22.09 41.91 -4.79
N GLU A 107 -22.89 42.85 -5.30
CA GLU A 107 -24.34 42.68 -5.49
C GLU A 107 -24.71 41.66 -6.57
N LYS A 108 -23.88 41.55 -7.63
CA LYS A 108 -24.03 40.55 -8.69
C LYS A 108 -23.79 39.15 -8.13
N PHE A 109 -22.80 39.03 -7.23
CA PHE A 109 -22.47 37.77 -6.56
C PHE A 109 -23.65 37.34 -5.68
N GLU A 110 -24.05 38.23 -4.78
CA GLU A 110 -25.13 38.00 -3.81
C GLU A 110 -26.49 37.65 -4.42
N LYS A 111 -26.82 38.28 -5.56
CA LYS A 111 -28.06 38.03 -6.30
C LYS A 111 -28.10 36.60 -6.84
N SER A 112 -27.09 36.23 -7.63
CA SER A 112 -27.00 34.90 -8.23
C SER A 112 -26.74 33.78 -7.21
N PHE A 113 -26.03 34.08 -6.12
CA PHE A 113 -25.78 33.14 -5.02
C PHE A 113 -27.12 32.74 -4.41
N GLU A 114 -27.98 33.73 -4.14
CA GLU A 114 -29.34 33.53 -3.60
C GLU A 114 -30.29 32.84 -4.60
N GLU A 115 -30.25 33.26 -5.87
CA GLU A 115 -31.10 32.77 -6.97
C GLU A 115 -30.65 31.43 -7.60
N ASP A 116 -29.47 30.93 -7.18
CA ASP A 116 -28.84 29.70 -7.70
C ASP A 116 -28.47 29.76 -9.20
N ASP A 117 -28.23 30.99 -9.69
CA ASP A 117 -27.88 31.29 -11.10
C ASP A 117 -26.35 31.41 -11.31
N TYR A 118 -25.64 30.33 -11.00
CA TYR A 118 -24.19 30.29 -11.16
C TYR A 118 -23.74 28.88 -11.54
N HIS A 119 -22.54 28.79 -12.11
CA HIS A 119 -21.86 27.54 -12.42
C HIS A 119 -20.64 27.45 -11.50
N ILE A 120 -19.88 28.55 -11.42
CA ILE A 120 -18.65 28.60 -10.61
C ILE A 120 -18.63 29.80 -9.65
N LEU A 121 -18.35 29.52 -8.37
CA LEU A 121 -18.15 30.55 -7.35
C LEU A 121 -16.69 30.49 -6.85
N VAL A 122 -16.08 31.66 -6.66
CA VAL A 122 -14.70 31.82 -6.18
C VAL A 122 -14.74 32.80 -5.00
N PHE A 123 -14.28 32.35 -3.83
CA PHE A 123 -14.30 33.13 -2.57
C PHE A 123 -13.20 32.61 -1.64
N SER A 124 -13.03 33.22 -0.46
CA SER A 124 -11.96 32.84 0.48
C SER A 124 -12.44 32.01 1.67
N THR A 125 -11.48 31.57 2.49
CA THR A 125 -11.77 30.85 3.71
C THR A 125 -12.51 31.78 4.71
N GLN A 126 -12.24 33.08 4.64
CA GLN A 126 -12.94 34.13 5.41
C GLN A 126 -14.44 34.21 5.05
N PHE A 127 -14.76 34.12 3.75
CA PHE A 127 -16.16 34.04 3.27
C PHE A 127 -16.88 32.82 3.83
N VAL A 128 -16.18 31.69 3.89
CA VAL A 128 -16.73 30.45 4.45
C VAL A 128 -17.11 30.64 5.92
N SER A 129 -16.25 31.30 6.72
CA SER A 129 -16.48 31.60 8.15
C SER A 129 -17.71 32.48 8.38
N LYS A 130 -17.87 33.50 7.53
CA LYS A 130 -18.96 34.47 7.64
C LYS A 130 -20.30 33.94 7.06
N ASN A 131 -20.25 32.94 6.19
CA ASN A 131 -21.45 32.41 5.52
C ASN A 131 -21.73 30.90 5.68
N ARG A 132 -21.32 30.28 6.79
CA ARG A 132 -21.52 28.83 7.02
C ARG A 132 -22.97 28.38 6.81
N GLU A 133 -23.93 29.08 7.43
CA GLU A 133 -25.36 28.74 7.35
C GLU A 133 -25.88 28.70 5.91
N LYS A 134 -25.74 29.81 5.16
CA LYS A 134 -26.14 29.90 3.74
C LYS A 134 -25.46 28.86 2.82
N LEU A 135 -24.16 28.60 3.04
CA LEU A 135 -23.38 27.61 2.26
C LEU A 135 -23.76 26.15 2.52
N SER A 136 -24.06 25.82 3.78
CA SER A 136 -24.47 24.47 4.16
C SER A 136 -25.87 24.08 3.61
N GLN A 137 -26.57 25.07 3.04
CA GLN A 137 -27.90 24.90 2.43
C GLN A 137 -27.76 24.65 0.92
N LYS A 138 -26.52 24.60 0.45
CA LYS A 138 -26.19 24.43 -0.97
C LYS A 138 -25.44 23.14 -1.26
N ARG A 139 -25.68 22.58 -2.45
CA ARG A 139 -24.93 21.43 -2.93
C ARG A 139 -24.11 21.81 -4.16
N PHE A 140 -22.80 21.58 -4.09
CA PHE A 140 -21.85 21.78 -5.18
C PHE A 140 -21.37 20.41 -5.66
N ASP A 141 -21.22 20.25 -6.96
CA ASP A 141 -20.67 19.03 -7.55
C ASP A 141 -19.18 18.93 -7.29
N PHE A 142 -18.55 20.08 -7.04
CA PHE A 142 -17.10 20.17 -6.81
C PHE A 142 -16.75 21.29 -5.83
N VAL A 143 -16.01 20.95 -4.79
CA VAL A 143 -15.48 21.95 -3.86
C VAL A 143 -13.96 21.77 -3.80
N PHE A 144 -13.25 22.82 -4.19
CA PHE A 144 -11.78 22.82 -4.20
C PHE A 144 -11.27 23.71 -3.07
N VAL A 145 -10.52 23.13 -2.14
CA VAL A 145 -9.99 23.90 -1.02
C VAL A 145 -8.46 24.00 -1.09
N ASP A 146 -7.98 25.23 -1.36
CA ASP A 146 -6.55 25.53 -1.37
C ASP A 146 -5.95 25.44 0.06
N ASP A 147 -6.58 26.07 1.07
CA ASP A 147 -6.14 26.06 2.51
C ASP A 147 -6.63 24.83 3.34
N VAL A 148 -5.69 23.96 3.68
CA VAL A 148 -5.94 22.76 4.49
C VAL A 148 -6.19 23.08 5.97
N ASP A 149 -5.32 23.90 6.57
CA ASP A 149 -5.43 24.32 7.98
C ASP A 149 -6.79 24.97 8.32
N ALA A 150 -7.36 25.74 7.38
CA ALA A 150 -8.68 26.37 7.53
C ALA A 150 -9.82 25.33 7.69
N VAL A 151 -9.72 24.23 6.95
CA VAL A 151 -10.62 23.06 6.98
C VAL A 151 -10.67 22.46 8.39
N LEU A 152 -9.49 22.37 9.02
CA LEU A 152 -9.30 21.70 10.30
C LEU A 152 -9.14 22.59 11.56
N LYS A 153 -9.09 23.93 11.38
CA LYS A 153 -9.01 24.89 12.48
C LYS A 153 -10.23 24.75 13.39
N ALA A 154 -11.41 24.70 12.75
CA ALA A 154 -12.71 24.54 13.42
C ALA A 154 -13.38 23.24 12.96
N SER A 155 -13.96 22.49 13.92
CA SER A 155 -14.70 21.25 13.64
C SER A 155 -15.95 21.54 12.81
N ARG A 156 -16.48 22.75 12.99
CA ARG A 156 -17.61 23.35 12.27
C ARG A 156 -17.29 23.48 10.77
N ASN A 157 -16.00 23.65 10.47
CA ASN A 157 -15.46 23.80 9.11
C ASN A 157 -15.60 22.53 8.26
N ILE A 158 -15.23 21.39 8.86
CA ILE A 158 -15.32 20.06 8.28
C ILE A 158 -16.79 19.79 7.88
N ASP A 159 -17.70 20.10 8.80
CA ASP A 159 -19.16 19.95 8.63
C ASP A 159 -19.72 20.77 7.45
N THR A 160 -19.27 22.04 7.34
CA THR A 160 -19.67 22.99 6.29
C THR A 160 -19.26 22.44 4.93
N LEU A 161 -18.01 21.98 4.82
CA LEU A 161 -17.46 21.38 3.59
C LEU A 161 -18.21 20.11 3.19
N LEU A 162 -18.52 19.27 4.17
CA LEU A 162 -19.31 18.04 3.99
C LEU A 162 -20.73 18.40 3.53
N MET A 163 -21.33 19.43 4.11
CA MET A 163 -22.66 19.88 3.70
C MET A 163 -22.67 20.51 2.30
N MET A 164 -21.58 21.21 1.95
CA MET A 164 -21.41 21.83 0.63
C MET A 164 -21.31 20.80 -0.51
N VAL A 165 -20.97 19.55 -0.17
CA VAL A 165 -20.90 18.49 -1.19
C VAL A 165 -22.15 17.59 -1.22
N GLY A 166 -23.18 18.04 -0.50
CA GLY A 166 -24.47 17.40 -0.51
C GLY A 166 -24.71 16.35 0.57
N ILE A 167 -23.91 16.38 1.63
CA ILE A 167 -24.12 15.45 2.75
C ILE A 167 -25.00 16.14 3.81
N PRO A 168 -26.25 15.65 3.99
CA PRO A 168 -27.15 16.25 4.99
C PRO A 168 -26.58 16.17 6.42
N GLU A 169 -26.89 17.20 7.20
CA GLU A 169 -26.48 17.36 8.60
C GLU A 169 -26.75 16.10 9.45
N GLU A 170 -27.91 15.48 9.23
CA GLU A 170 -28.34 14.26 9.95
C GLU A 170 -27.40 13.08 9.74
N ILE A 171 -26.85 12.96 8.52
CA ILE A 171 -25.89 11.90 8.19
C ILE A 171 -24.50 12.15 8.80
N ILE A 172 -24.08 13.41 8.87
CA ILE A 172 -22.81 13.81 9.49
C ILE A 172 -22.86 13.48 10.99
N ARG A 173 -24.00 13.79 11.61
CA ARG A 173 -24.28 13.51 13.03
C ARG A 173 -24.28 12.02 13.30
N LYS A 174 -24.99 11.23 12.47
CA LYS A 174 -25.02 9.76 12.60
C LYS A 174 -23.63 9.16 12.39
N ALA A 175 -22.91 9.62 11.35
CA ALA A 175 -21.53 9.20 11.08
C ALA A 175 -20.60 9.47 12.25
N PHE A 176 -20.63 10.70 12.77
CA PHE A 176 -19.79 11.12 13.89
C PHE A 176 -20.03 10.31 15.17
N SER A 177 -21.32 10.07 15.47
CA SER A 177 -21.81 9.30 16.62
C SER A 177 -21.30 7.87 16.60
N THR A 178 -21.32 7.25 15.42
CA THR A 178 -20.74 5.91 15.20
C THR A 178 -19.20 5.84 15.28
N ILE A 179 -18.52 6.80 14.66
CA ILE A 179 -17.05 6.88 14.70
C ILE A 179 -16.55 7.02 16.14
N LYS A 180 -17.22 7.88 16.92
CA LYS A 180 -16.89 8.15 18.34
C LYS A 180 -16.88 6.87 19.19
N GLN A 181 -17.79 5.94 18.89
CA GLN A 181 -17.91 4.63 19.57
C GLN A 181 -16.74 3.68 19.29
N GLY A 182 -16.03 3.95 18.20
CA GLY A 182 -14.90 3.13 17.74
C GLY A 182 -15.30 2.26 16.55
N LYS A 183 -16.43 2.61 15.94
CA LYS A 183 -17.03 1.88 14.81
C LYS A 183 -16.79 2.57 13.48
N ILE A 184 -17.00 1.82 12.41
CA ILE A 184 -16.87 2.33 11.07
C ILE A 184 -18.29 2.63 10.57
N TYR A 185 -18.52 3.87 10.12
CA TYR A 185 -19.82 4.26 9.56
C TYR A 185 -19.88 3.88 8.08
N GLU A 186 -20.99 3.26 7.67
CA GLU A 186 -21.22 2.83 6.28
C GLU A 186 -22.13 3.89 5.65
N ARG A 187 -21.57 4.74 4.79
CA ARG A 187 -22.35 5.83 4.17
C ARG A 187 -23.51 5.25 3.31
N PRO A 188 -24.63 5.99 3.17
CA PRO A 188 -25.68 5.50 2.26
C PRO A 188 -25.19 5.50 0.80
N LYS A 189 -25.30 4.36 0.11
CA LYS A 189 -24.81 4.20 -1.26
C LYS A 189 -25.57 5.02 -2.31
N ASN A 190 -26.83 5.34 -2.05
CA ASN A 190 -27.67 6.13 -2.96
C ASN A 190 -27.48 7.64 -2.84
N LEU A 191 -26.68 8.09 -1.87
CA LEU A 191 -26.51 9.53 -1.62
C LEU A 191 -25.81 10.41 -2.73
N LYS A 192 -24.79 9.86 -3.40
CA LYS A 192 -23.94 10.53 -4.41
C LYS A 192 -23.47 11.96 -4.06
N PRO A 193 -22.59 12.08 -3.04
CA PRO A 193 -22.08 13.43 -2.75
C PRO A 193 -21.19 13.97 -3.87
N GLY A 194 -20.93 15.27 -3.85
CA GLY A 194 -20.04 15.90 -4.82
C GLY A 194 -18.58 15.61 -4.50
N ILE A 195 -17.67 16.12 -5.31
CA ILE A 195 -16.22 15.91 -5.15
C ILE A 195 -15.65 16.98 -4.24
N LEU A 196 -14.91 16.54 -3.22
CA LEU A 196 -14.17 17.47 -2.37
C LEU A 196 -12.68 17.25 -2.60
N VAL A 197 -11.98 18.32 -3.02
CA VAL A 197 -10.53 18.23 -3.21
C VAL A 197 -9.83 19.21 -2.27
N VAL A 198 -8.92 18.67 -1.46
CA VAL A 198 -8.12 19.47 -0.54
C VAL A 198 -6.68 19.54 -1.11
N SER A 199 -6.13 20.75 -1.23
CA SER A 199 -4.83 21.02 -1.87
C SER A 199 -3.54 20.41 -1.31
N SER A 200 -3.45 20.25 0.01
CA SER A 200 -2.30 19.59 0.65
C SER A 200 -2.80 18.79 1.85
N ALA A 201 -1.89 18.20 2.64
CA ALA A 201 -2.27 17.41 3.81
C ALA A 201 -1.57 17.88 5.09
N THR A 202 -2.21 17.65 6.23
CA THR A 202 -1.61 18.00 7.53
C THR A 202 -0.66 16.89 8.01
N ALA A 203 0.57 17.30 8.33
CA ALA A 203 1.63 16.45 8.86
C ALA A 203 1.28 16.00 10.28
N LYS A 204 0.46 16.84 10.94
CA LYS A 204 -0.08 16.62 12.28
C LYS A 204 -1.64 16.63 12.23
N PRO A 205 -2.30 15.55 11.74
CA PRO A 205 -3.78 15.57 11.73
C PRO A 205 -4.32 15.37 13.16
N ARG A 206 -5.30 16.20 13.57
CA ARG A 206 -5.77 16.13 14.96
C ARG A 206 -7.28 15.91 15.17
N GLY A 207 -7.58 14.84 15.93
CA GLY A 207 -8.92 14.47 16.35
C GLY A 207 -9.64 13.34 15.61
N ILE A 208 -10.91 13.16 16.01
CA ILE A 208 -11.88 12.21 15.47
C ILE A 208 -12.65 12.83 14.27
N ARG A 209 -12.77 14.17 14.23
CA ARG A 209 -13.49 14.87 13.15
C ARG A 209 -12.98 14.60 11.70
N PRO A 210 -11.65 14.59 11.43
CA PRO A 210 -11.22 14.32 10.05
C PRO A 210 -11.51 12.88 9.54
N LEU A 211 -11.92 11.97 10.43
CA LEU A 211 -12.34 10.61 10.08
C LEU A 211 -13.70 10.57 9.38
N LEU A 212 -14.45 11.68 9.44
CA LEU A 212 -15.72 11.83 8.71
C LEU A 212 -15.47 11.76 7.21
N PHE A 213 -14.31 12.25 6.77
CA PHE A 213 -13.88 12.21 5.36
C PHE A 213 -13.66 10.76 4.89
N ARG A 214 -13.09 9.91 5.76
CA ARG A 214 -12.85 8.50 5.45
C ARG A 214 -14.17 7.76 5.20
N ASP A 215 -15.13 7.93 6.11
CA ASP A 215 -16.36 7.17 6.03
C ASP A 215 -17.42 7.76 5.10
N LEU A 216 -17.40 9.08 4.88
CA LEU A 216 -18.40 9.76 4.05
C LEU A 216 -17.93 9.99 2.62
N LEU A 217 -16.63 10.25 2.43
CA LEU A 217 -16.09 10.61 1.12
C LEU A 217 -14.94 9.72 0.62
N ASN A 218 -14.65 8.66 1.39
CA ASN A 218 -13.61 7.65 1.10
C ASN A 218 -12.19 8.20 0.81
N PHE A 219 -11.73 9.15 1.63
CA PHE A 219 -10.36 9.70 1.55
C PHE A 219 -9.95 10.27 2.91
N THR A 220 -8.64 10.46 3.12
CA THR A 220 -8.10 11.14 4.32
C THR A 220 -7.23 12.35 3.98
N VAL A 221 -7.22 13.33 4.90
CA VAL A 221 -6.40 14.53 4.82
C VAL A 221 -5.22 14.41 5.80
N GLY A 222 -5.16 13.27 6.49
CA GLY A 222 -4.09 12.91 7.42
C GLY A 222 -3.12 11.92 6.82
N ARG A 223 -2.66 10.96 7.64
CA ARG A 223 -1.73 9.90 7.20
C ARG A 223 -2.46 8.82 6.40
N LEU A 224 -1.80 8.23 5.38
CA LEU A 224 -2.43 7.17 4.57
C LEU A 224 -2.26 5.76 5.18
N VAL A 225 -3.39 5.28 5.70
CA VAL A 225 -3.54 4.01 6.43
C VAL A 225 -3.38 2.75 5.53
N SER A 226 -2.95 1.65 6.14
CA SER A 226 -2.77 0.32 5.53
C SER A 226 -4.09 -0.18 4.92
N VAL A 227 -4.02 -0.82 3.76
CA VAL A 227 -5.20 -1.40 3.08
C VAL A 227 -5.41 -2.89 3.47
N ALA A 228 -4.88 -3.32 4.62
CA ALA A 228 -5.00 -4.71 5.09
C ALA A 228 -6.40 -5.00 5.69
N ARG A 229 -7.04 -6.08 5.20
CA ARG A 229 -8.34 -6.59 5.66
C ARG A 229 -8.11 -7.36 6.97
N ASN A 230 -9.16 -7.83 7.62
CA ASN A 230 -8.90 -8.60 8.83
C ASN A 230 -8.97 -10.09 8.52
N ILE A 231 -7.97 -10.55 7.78
CA ILE A 231 -7.88 -11.94 7.37
C ILE A 231 -6.59 -12.56 7.94
N THR A 232 -6.66 -13.82 8.34
CA THR A 232 -5.47 -14.61 8.67
C THR A 232 -5.34 -15.60 7.53
N HIS A 233 -4.19 -15.55 6.86
CA HIS A 233 -3.87 -16.42 5.71
C HIS A 233 -2.96 -17.53 6.24
N VAL A 234 -3.36 -18.79 6.01
CA VAL A 234 -2.60 -19.95 6.47
C VAL A 234 -2.31 -20.90 5.29
N ARG A 235 -1.08 -21.37 5.20
CA ARG A 235 -0.68 -22.28 4.13
C ARG A 235 -0.49 -23.72 4.65
N ILE A 236 -1.07 -24.69 3.93
CA ILE A 236 -0.90 -26.12 4.17
C ILE A 236 0.01 -26.63 3.06
N SER A 237 1.14 -27.18 3.47
CA SER A 237 2.17 -27.64 2.56
C SER A 237 1.85 -29.02 2.02
N SER A 238 0.66 -29.14 1.45
CA SER A 238 0.22 -30.34 0.75
C SER A 238 -1.22 -30.20 0.23
N ARG A 239 -1.69 -31.25 -0.45
CA ARG A 239 -3.06 -31.37 -0.97
C ARG A 239 -3.73 -32.59 -0.34
N SER A 240 -3.63 -32.70 0.98
CA SER A 240 -4.23 -33.83 1.71
C SER A 240 -5.73 -33.60 1.92
N LYS A 241 -6.53 -34.48 1.32
CA LYS A 241 -7.97 -34.43 1.48
C LYS A 241 -8.33 -34.77 2.94
N GLU A 242 -7.43 -35.50 3.61
CA GLU A 242 -7.54 -35.87 5.03
C GLU A 242 -7.38 -34.62 5.92
N LYS A 243 -6.39 -33.78 5.61
CA LYS A 243 -6.16 -32.48 6.28
C LYS A 243 -7.35 -31.53 6.06
N LEU A 244 -7.89 -31.58 4.85
CA LEU A 244 -9.06 -30.78 4.45
C LEU A 244 -10.29 -31.18 5.28
N VAL A 245 -10.55 -32.49 5.37
CA VAL A 245 -11.65 -33.05 6.17
C VAL A 245 -11.52 -32.60 7.64
N GLU A 246 -10.30 -32.64 8.20
CA GLU A 246 -10.16 -32.18 9.59
C GLU A 246 -10.35 -30.67 9.85
N LEU A 247 -10.15 -29.84 8.82
CA LEU A 247 -10.46 -28.41 8.89
C LEU A 247 -11.97 -28.19 8.76
N LEU A 248 -12.61 -28.94 7.85
CA LEU A 248 -14.06 -28.87 7.65
C LEU A 248 -14.81 -29.28 8.91
N GLU A 249 -14.22 -30.20 9.67
CA GLU A 249 -14.81 -30.71 10.92
C GLU A 249 -14.83 -29.69 12.04
N ILE A 250 -13.88 -28.74 12.04
CA ILE A 250 -13.90 -27.67 13.05
C ILE A 250 -14.45 -26.33 12.56
N PHE A 251 -14.31 -26.04 11.26
CA PHE A 251 -14.86 -24.84 10.64
C PHE A 251 -16.38 -25.00 10.51
N ARG A 252 -16.78 -26.20 10.09
CA ARG A 252 -18.18 -26.69 10.04
C ARG A 252 -19.14 -26.08 9.01
N ASP A 253 -19.21 -24.75 8.97
CA ASP A 253 -20.23 -24.05 8.19
C ASP A 253 -19.65 -22.70 7.70
N GLY A 254 -20.26 -22.15 6.64
CA GLY A 254 -19.84 -20.90 6.02
C GLY A 254 -18.50 -21.00 5.30
N ILE A 255 -18.28 -22.11 4.60
CA ILE A 255 -17.02 -22.40 3.91
C ILE A 255 -17.15 -22.30 2.37
N LEU A 256 -16.20 -21.58 1.75
CA LEU A 256 -16.08 -21.53 0.29
C LEU A 256 -14.79 -22.24 -0.08
N ILE A 257 -14.88 -23.19 -1.00
CA ILE A 257 -13.70 -23.85 -1.53
C ILE A 257 -13.55 -23.46 -3.01
N PHE A 258 -12.38 -22.94 -3.35
CA PHE A 258 -12.04 -22.55 -4.72
C PHE A 258 -10.98 -23.51 -5.25
N ALA A 259 -11.33 -24.28 -6.28
CA ALA A 259 -10.40 -25.18 -6.96
C ALA A 259 -9.90 -24.46 -8.23
N GLN A 260 -8.72 -24.88 -8.72
CA GLN A 260 -8.04 -24.28 -9.89
C GLN A 260 -8.80 -24.47 -11.20
N THR A 261 -9.36 -25.67 -11.39
CA THR A 261 -10.08 -26.06 -12.60
C THR A 261 -11.43 -26.70 -12.24
N GLU A 262 -12.37 -26.70 -13.19
CA GLU A 262 -13.70 -27.34 -13.02
C GLU A 262 -13.58 -28.87 -12.81
N GLU A 263 -12.54 -29.45 -13.41
CA GLU A 263 -12.21 -30.89 -13.33
C GLU A 263 -11.79 -31.29 -11.90
N GLU A 264 -10.91 -30.47 -11.29
CA GLU A 264 -10.43 -30.67 -9.92
C GLU A 264 -11.52 -30.38 -8.91
N GLY A 265 -12.38 -29.42 -9.26
CA GLY A 265 -13.53 -29.02 -8.46
C GLY A 265 -14.55 -30.14 -8.31
N LYS A 266 -14.83 -30.83 -9.41
CA LYS A 266 -15.76 -31.97 -9.45
C LYS A 266 -15.24 -33.16 -8.64
N GLU A 267 -13.92 -33.40 -8.73
CA GLU A 267 -13.18 -34.45 -8.01
C GLU A 267 -13.34 -34.27 -6.49
N LEU A 268 -13.14 -33.03 -6.07
CA LEU A 268 -13.25 -32.57 -4.68
C LEU A 268 -14.71 -32.68 -4.19
N TYR A 269 -15.66 -32.25 -5.04
CA TYR A 269 -17.10 -32.35 -4.78
C TYR A 269 -17.54 -33.81 -4.54
N GLU A 270 -17.05 -34.71 -5.41
CA GLU A 270 -17.30 -36.16 -5.36
C GLU A 270 -16.86 -36.75 -4.02
N TYR A 271 -15.62 -36.44 -3.63
CA TYR A 271 -15.00 -36.90 -2.39
C TYR A 271 -15.75 -36.39 -1.16
N LEU A 272 -16.08 -35.10 -1.13
CA LEU A 272 -16.78 -34.50 0.01
C LEU A 272 -18.21 -35.07 0.22
N LYS A 273 -18.96 -35.24 -0.86
CA LYS A 273 -20.31 -35.84 -0.86
C LYS A 273 -20.25 -37.28 -0.33
N ARG A 274 -19.19 -38.01 -0.68
CA ARG A 274 -18.88 -39.39 -0.25
C ARG A 274 -18.67 -39.46 1.26
N PHE A 275 -18.06 -38.40 1.81
CA PHE A 275 -17.80 -38.24 3.26
C PHE A 275 -18.97 -37.55 3.98
N LYS A 276 -20.12 -37.56 3.29
CA LYS A 276 -21.44 -37.05 3.74
C LYS A 276 -21.51 -35.57 4.17
N PHE A 277 -20.54 -34.78 3.70
CA PHE A 277 -20.52 -33.32 3.96
C PHE A 277 -21.64 -32.64 3.18
N ASN A 278 -22.18 -31.57 3.77
CA ASN A 278 -23.24 -30.77 3.17
C ASN A 278 -22.61 -29.74 2.20
N VAL A 279 -22.19 -30.24 1.02
CA VAL A 279 -21.49 -29.45 0.01
C VAL A 279 -22.34 -29.15 -1.23
N GLY A 280 -22.14 -27.94 -1.77
CA GLY A 280 -22.76 -27.48 -3.00
C GLY A 280 -21.71 -27.04 -4.02
N GLU A 281 -22.05 -27.11 -5.31
CA GLU A 281 -21.15 -26.68 -6.39
C GLU A 281 -21.71 -25.42 -7.06
N THR A 282 -20.82 -24.60 -7.64
CA THR A 282 -21.23 -23.37 -8.29
C THR A 282 -21.15 -23.35 -9.83
N TRP A 283 -20.51 -24.38 -10.43
CA TRP A 283 -20.41 -24.50 -11.89
C TRP A 283 -21.72 -24.79 -12.62
N SER A 284 -22.55 -25.67 -12.07
CA SER A 284 -23.84 -26.04 -12.70
C SER A 284 -25.04 -25.15 -12.31
N GLU A 285 -25.38 -25.11 -11.03
CA GLU A 285 -26.51 -24.28 -10.58
C GLU A 285 -26.04 -23.25 -9.55
N PHE A 286 -25.48 -22.13 -10.02
CA PHE A 286 -24.98 -21.08 -9.14
C PHE A 286 -26.06 -20.38 -8.29
N GLU A 287 -27.07 -19.80 -8.94
CA GLU A 287 -28.14 -19.07 -8.25
C GLU A 287 -28.88 -19.89 -7.18
N LYS A 288 -29.28 -21.12 -7.52
CA LYS A 288 -29.96 -22.01 -6.56
C LYS A 288 -29.06 -22.46 -5.41
N ASN A 289 -27.84 -22.88 -5.74
CA ASN A 289 -26.85 -23.34 -4.74
C ASN A 289 -26.38 -22.23 -3.80
N PHE A 290 -26.17 -21.02 -4.35
CA PHE A 290 -25.77 -19.86 -3.55
C PHE A 290 -26.87 -19.41 -2.56
N GLU A 291 -28.13 -19.35 -3.02
CA GLU A 291 -29.27 -19.05 -2.14
C GLU A 291 -29.39 -20.08 -1.01
N ASP A 292 -29.15 -21.35 -1.31
CA ASP A 292 -29.20 -22.41 -0.31
C ASP A 292 -28.11 -22.23 0.75
N PHE A 293 -26.88 -21.92 0.31
CA PHE A 293 -25.74 -21.61 1.18
C PHE A 293 -26.04 -20.41 2.10
N LYS A 294 -26.59 -19.33 1.51
CA LYS A 294 -26.97 -18.04 2.14
C LYS A 294 -27.94 -18.20 3.32
N VAL A 295 -28.94 -19.06 3.12
CA VAL A 295 -30.00 -19.35 4.08
C VAL A 295 -29.58 -20.46 5.09
N GLY A 296 -28.39 -21.03 4.90
CA GLY A 296 -27.82 -22.03 5.79
C GLY A 296 -28.18 -23.48 5.50
N LYS A 297 -28.82 -23.74 4.36
CA LYS A 297 -29.15 -25.11 3.95
C LYS A 297 -27.89 -25.89 3.56
N ILE A 298 -26.96 -25.21 2.87
CA ILE A 298 -25.67 -25.75 2.43
C ILE A 298 -24.56 -25.15 3.34
N ASN A 299 -23.60 -25.98 3.77
CA ASN A 299 -22.52 -25.54 4.66
C ASN A 299 -21.22 -25.19 3.90
N ILE A 300 -20.91 -25.94 2.83
CA ILE A 300 -19.70 -25.72 2.02
C ILE A 300 -20.12 -25.45 0.58
N LEU A 301 -19.43 -24.53 -0.09
CA LEU A 301 -19.73 -24.24 -1.48
C LEU A 301 -18.44 -24.37 -2.26
N ILE A 302 -18.41 -25.24 -3.29
CA ILE A 302 -17.23 -25.39 -4.17
C ILE A 302 -17.44 -24.61 -5.46
N GLY A 303 -16.39 -23.90 -5.87
CA GLY A 303 -16.40 -23.09 -7.09
C GLY A 303 -15.04 -23.08 -7.78
N VAL A 304 -14.92 -22.37 -8.90
CA VAL A 304 -13.66 -22.28 -9.66
C VAL A 304 -13.05 -20.86 -9.54
N GLN A 305 -11.75 -20.79 -9.20
CA GLN A 305 -11.01 -19.51 -9.08
C GLN A 305 -10.93 -18.90 -10.48
N ALA A 306 -11.46 -17.67 -10.61
CA ALA A 306 -11.50 -16.87 -11.86
C ALA A 306 -11.54 -15.36 -11.51
N TYR A 307 -10.88 -14.51 -12.32
CA TYR A 307 -10.79 -13.06 -12.03
C TYR A 307 -12.13 -12.32 -11.85
N TYR A 308 -13.03 -12.35 -12.83
CA TYR A 308 -14.37 -11.76 -12.60
C TYR A 308 -15.36 -12.91 -12.40
N GLY A 309 -15.11 -13.65 -11.33
CA GLY A 309 -15.87 -14.83 -10.95
C GLY A 309 -17.10 -14.52 -10.13
N LYS A 310 -18.15 -15.33 -10.32
CA LYS A 310 -19.41 -15.21 -9.60
C LYS A 310 -19.16 -15.39 -8.11
N LEU A 311 -18.40 -16.43 -7.77
CA LEU A 311 -18.06 -16.77 -6.38
C LEU A 311 -16.84 -16.00 -5.86
N THR A 312 -15.90 -15.66 -6.75
CA THR A 312 -14.65 -14.96 -6.43
C THR A 312 -14.86 -13.48 -6.07
N ARG A 313 -15.73 -12.80 -6.80
CA ARG A 313 -15.93 -11.35 -6.62
C ARG A 313 -17.37 -10.97 -6.23
N GLY A 314 -18.32 -11.37 -7.07
CA GLY A 314 -19.74 -11.05 -6.90
C GLY A 314 -20.38 -11.17 -5.53
N VAL A 315 -20.13 -12.30 -4.85
CA VAL A 315 -20.77 -12.65 -3.56
C VAL A 315 -20.45 -11.74 -2.34
N ASP A 316 -21.49 -11.12 -1.79
CA ASP A 316 -21.36 -10.17 -0.66
C ASP A 316 -22.05 -10.55 0.71
N LEU A 317 -21.51 -11.58 1.40
CA LEU A 317 -22.03 -12.06 2.69
C LEU A 317 -20.97 -12.29 3.81
N PRO A 318 -20.45 -11.24 4.48
CA PRO A 318 -19.48 -11.49 5.58
C PRO A 318 -20.07 -12.28 6.77
N GLU A 319 -21.37 -12.12 7.06
CA GLU A 319 -22.07 -12.87 8.13
C GLU A 319 -22.11 -14.38 7.91
N ARG A 320 -22.19 -14.75 6.63
CA ARG A 320 -22.29 -16.13 6.19
C ARG A 320 -20.93 -16.69 5.73
N ILE A 321 -20.15 -15.96 4.91
CA ILE A 321 -18.82 -16.44 4.49
C ILE A 321 -17.73 -16.13 5.53
N LYS A 322 -17.18 -17.20 6.10
CA LYS A 322 -16.23 -17.07 7.19
C LYS A 322 -14.86 -17.65 6.84
N TYR A 323 -14.88 -18.73 6.06
CA TYR A 323 -13.67 -19.48 5.70
C TYR A 323 -13.57 -19.64 4.18
N VAL A 324 -12.38 -19.36 3.65
CA VAL A 324 -12.08 -19.52 2.23
C VAL A 324 -10.92 -20.50 2.11
N ILE A 325 -11.12 -21.55 1.33
CA ILE A 325 -10.08 -22.57 1.13
C ILE A 325 -9.71 -22.62 -0.35
N PHE A 326 -8.41 -22.49 -0.65
CA PHE A 326 -7.86 -22.61 -2.01
C PHE A 326 -7.21 -23.97 -2.20
N TRP A 327 -7.74 -24.74 -3.17
CA TRP A 327 -7.21 -26.05 -3.52
C TRP A 327 -6.20 -25.80 -4.63
N GLY A 328 -4.98 -25.48 -4.19
CA GLY A 328 -3.92 -25.01 -5.06
C GLY A 328 -4.01 -23.50 -5.17
N THR A 329 -2.91 -22.81 -5.48
CA THR A 329 -2.97 -21.35 -5.59
C THR A 329 -3.59 -20.91 -6.94
N PRO A 330 -4.44 -19.85 -6.97
CA PRO A 330 -4.94 -19.35 -8.27
C PRO A 330 -3.78 -19.21 -9.26
N SER A 331 -3.89 -19.89 -10.39
CA SER A 331 -2.84 -19.97 -11.40
C SER A 331 -2.18 -18.65 -11.80
N GLY A 332 -0.86 -18.62 -11.65
CA GLY A 332 -0.01 -17.46 -11.93
C GLY A 332 1.31 -17.44 -11.16
N PRO A 333 1.30 -17.13 -9.84
CA PRO A 333 0.15 -16.85 -8.98
C PRO A 333 -0.56 -15.52 -9.27
N ASP A 334 -1.89 -15.62 -9.28
CA ASP A 334 -2.80 -14.51 -9.55
C ASP A 334 -3.24 -13.92 -8.19
N VAL A 335 -2.45 -12.97 -7.69
CA VAL A 335 -2.74 -12.28 -6.42
C VAL A 335 -4.04 -11.53 -6.45
N TYR A 336 -4.36 -10.94 -7.60
CA TYR A 336 -5.60 -10.19 -7.77
C TYR A 336 -6.84 -11.05 -7.49
N THR A 337 -6.89 -12.26 -8.06
CA THR A 337 -7.95 -13.25 -7.79
C THR A 337 -7.90 -13.77 -6.35
N TYR A 338 -6.70 -13.93 -5.81
CA TYR A 338 -6.52 -14.35 -4.43
C TYR A 338 -7.09 -13.32 -3.44
N ILE A 339 -6.78 -12.04 -3.65
CA ILE A 339 -7.27 -10.95 -2.80
C ILE A 339 -8.80 -10.83 -2.88
N GLN A 340 -9.37 -10.85 -4.09
CA GLN A 340 -10.82 -10.83 -4.28
C GLN A 340 -11.55 -11.99 -3.56
N ALA A 341 -11.09 -13.23 -3.77
CA ALA A 341 -11.70 -14.43 -3.19
C ALA A 341 -11.58 -14.51 -1.68
N SER A 342 -10.39 -14.21 -1.14
CA SER A 342 -10.18 -14.19 0.30
C SER A 342 -10.96 -13.06 0.99
N GLY A 343 -11.20 -11.99 0.23
CA GLY A 343 -11.95 -10.80 0.67
C GLY A 343 -13.42 -11.05 0.96
N ARG A 344 -13.92 -12.20 0.51
CA ARG A 344 -15.28 -12.64 0.74
C ARG A 344 -15.52 -12.86 2.25
N SER A 345 -14.49 -13.39 2.92
CA SER A 345 -14.50 -13.75 4.35
C SER A 345 -14.36 -12.57 5.31
N SER A 346 -14.04 -11.38 4.79
CA SER A 346 -13.87 -10.21 5.65
C SER A 346 -14.32 -8.88 5.03
N ARG A 347 -15.42 -8.39 5.57
CA ARG A 347 -15.95 -7.06 5.28
C ARG A 347 -16.81 -6.46 6.41
N ILE A 348 -17.22 -5.21 6.24
CA ILE A 348 -17.94 -4.49 7.30
C ILE A 348 -19.38 -5.01 7.44
N LEU A 349 -19.65 -5.50 8.65
CA LEU A 349 -20.97 -5.92 9.09
C LEU A 349 -21.21 -5.11 10.37
N ASN A 350 -22.23 -4.25 10.30
CA ASN A 350 -22.63 -3.29 11.35
C ASN A 350 -21.46 -2.56 12.06
N GLY A 351 -20.60 -1.89 11.28
CA GLY A 351 -19.50 -1.07 11.77
C GLY A 351 -18.23 -1.77 12.25
N VAL A 352 -18.18 -3.07 12.04
CA VAL A 352 -17.05 -3.90 12.45
C VAL A 352 -16.52 -4.67 11.24
N LEU A 353 -15.21 -4.56 11.02
CA LEU A 353 -14.52 -5.32 9.99
C LEU A 353 -14.28 -6.74 10.54
N VAL A 354 -15.20 -7.62 10.17
CA VAL A 354 -15.25 -8.99 10.68
C VAL A 354 -14.09 -9.88 10.24
N LYS A 355 -13.76 -10.86 11.08
CA LYS A 355 -12.61 -11.75 10.83
C LYS A 355 -12.85 -12.82 9.76
N GLY A 356 -11.85 -12.98 8.90
CA GLY A 356 -11.84 -14.02 7.88
C GLY A 356 -10.65 -14.95 8.01
N VAL A 357 -10.82 -16.21 7.60
CA VAL A 357 -9.71 -17.19 7.57
C VAL A 357 -9.58 -17.73 6.14
N SER A 358 -8.39 -17.53 5.55
CA SER A 358 -8.06 -18.00 4.20
C SER A 358 -6.97 -19.07 4.31
N VAL A 359 -7.29 -20.29 3.87
CA VAL A 359 -6.38 -21.46 3.92
C VAL A 359 -6.01 -21.86 2.48
N ILE A 360 -4.71 -21.90 2.19
CA ILE A 360 -4.16 -22.34 0.90
C ILE A 360 -3.50 -23.70 1.06
N PHE A 361 -3.93 -24.65 0.23
CA PHE A 361 -3.32 -25.97 0.11
C PHE A 361 -2.41 -25.88 -1.11
N GLU A 362 -1.09 -25.72 -0.87
CA GLU A 362 -0.07 -25.58 -1.92
C GLU A 362 1.21 -26.30 -1.51
N GLU A 363 1.61 -27.28 -2.31
CA GLU A 363 2.77 -28.15 -2.11
C GLU A 363 4.05 -27.57 -2.75
N ASP A 364 3.86 -26.86 -3.86
CA ASP A 364 4.96 -26.25 -4.64
C ASP A 364 5.51 -25.03 -3.90
N GLU A 365 6.74 -25.18 -3.40
CA GLU A 365 7.44 -24.16 -2.61
C GLU A 365 7.66 -22.82 -3.37
N GLU A 366 7.99 -22.93 -4.65
CA GLU A 366 8.23 -21.82 -5.60
C GLU A 366 6.98 -20.97 -5.85
N ILE A 367 5.88 -21.62 -6.23
CA ILE A 367 4.56 -21.00 -6.45
C ILE A 367 4.05 -20.31 -5.18
N PHE A 368 4.18 -20.99 -4.04
CA PHE A 368 3.76 -20.41 -2.75
C PHE A 368 4.54 -19.14 -2.38
N GLU A 369 5.86 -19.20 -2.52
CA GLU A 369 6.77 -18.08 -2.23
C GLU A 369 6.48 -16.85 -3.11
N SER A 370 6.12 -17.08 -4.36
CA SER A 370 5.76 -15.99 -5.28
C SER A 370 4.45 -15.34 -4.85
N LEU A 371 3.49 -16.15 -4.39
CA LEU A 371 2.19 -15.64 -3.87
C LEU A 371 2.37 -14.81 -2.60
N LYS A 372 3.18 -15.33 -1.68
CA LYS A 372 3.52 -14.67 -0.42
C LYS A 372 4.14 -13.28 -0.61
N THR A 373 5.09 -13.13 -1.53
CA THR A 373 5.71 -11.82 -1.74
C THR A 373 4.79 -10.80 -2.44
N ARG A 374 4.00 -11.29 -3.39
CA ARG A 374 3.01 -10.49 -4.12
C ARG A 374 1.88 -10.02 -3.18
N LEU A 375 1.43 -10.90 -2.29
CA LEU A 375 0.38 -10.52 -1.32
C LEU A 375 0.86 -9.48 -0.30
N LEU A 376 2.14 -9.56 0.11
CA LEU A 376 2.78 -8.56 0.99
C LEU A 376 2.85 -7.19 0.32
N LEU A 377 3.18 -7.18 -0.97
CA LEU A 377 3.31 -5.94 -1.75
C LEU A 377 1.97 -5.25 -2.01
N ILE A 378 0.98 -6.01 -2.47
CA ILE A 378 -0.33 -5.46 -2.83
C ILE A 378 -1.28 -5.22 -1.66
N ALA A 379 -1.42 -6.21 -0.77
CA ALA A 379 -2.39 -6.12 0.33
C ALA A 379 -1.82 -5.85 1.74
N GLU A 380 -0.49 -5.76 1.88
CA GLU A 380 0.20 -5.60 3.18
C GLU A 380 -0.25 -6.69 4.17
N GLU A 381 -0.38 -7.93 3.67
CA GLU A 381 -0.81 -9.09 4.46
C GLU A 381 0.23 -10.21 4.33
N GLU A 382 0.45 -10.97 5.39
CA GLU A 382 1.38 -12.10 5.37
C GLU A 382 0.63 -13.43 5.43
N ILE A 383 1.30 -14.50 5.01
CA ILE A 383 0.76 -15.86 5.07
C ILE A 383 1.60 -16.60 6.09
N ILE A 384 0.93 -17.26 7.04
CA ILE A 384 1.59 -17.97 8.12
C ILE A 384 1.52 -19.48 7.93
N GLU A 385 2.52 -20.21 8.43
CA GLU A 385 2.60 -21.65 8.22
C GLU A 385 1.59 -22.38 9.12
N GLU A 386 1.17 -23.57 8.70
CA GLU A 386 0.20 -24.39 9.45
C GLU A 386 0.53 -24.48 10.95
N ALA A 387 1.80 -24.72 11.30
CA ALA A 387 2.28 -24.85 12.68
C ALA A 387 2.10 -23.60 13.55
N GLU A 388 2.02 -22.44 12.91
CA GLU A 388 1.80 -21.15 13.59
C GLU A 388 0.30 -20.87 13.85
N ALA A 389 -0.58 -21.62 13.18
CA ALA A 389 -2.03 -21.44 13.30
C ALA A 389 -2.66 -22.19 14.47
N ASN A 390 -3.41 -21.46 15.29
CA ASN A 390 -4.17 -22.03 16.40
C ASN A 390 -5.59 -22.00 15.88
N TRP A 391 -6.06 -23.15 15.40
CA TRP A 391 -7.37 -23.26 14.74
C TRP A 391 -8.55 -22.93 15.65
N LYS A 392 -8.46 -23.33 16.92
CA LYS A 392 -9.50 -23.05 17.92
C LYS A 392 -9.64 -21.55 18.18
N GLU A 393 -8.51 -20.84 18.26
CA GLU A 393 -8.48 -19.39 18.47
C GLU A 393 -8.99 -18.62 17.25
N LEU A 394 -8.67 -19.14 16.06
CA LEU A 394 -9.13 -18.56 14.80
C LEU A 394 -10.65 -18.69 14.65
N VAL A 395 -11.19 -19.88 14.93
CA VAL A 395 -12.64 -20.13 14.94
C VAL A 395 -13.31 -19.17 15.94
N HIS A 396 -12.70 -19.01 17.12
CA HIS A 396 -13.17 -18.06 18.14
C HIS A 396 -13.20 -16.59 17.64
N GLU A 397 -12.14 -16.13 16.97
CA GLU A 397 -12.07 -14.79 16.37
C GLU A 397 -13.10 -14.57 15.26
N VAL A 398 -13.36 -15.60 14.46
CA VAL A 398 -14.38 -15.58 13.39
C VAL A 398 -15.78 -15.38 14.00
N GLU A 399 -16.05 -16.13 15.08
CA GLU A 399 -17.34 -16.12 15.77
C GLU A 399 -17.55 -14.85 16.63
N GLU A 400 -16.51 -14.46 17.35
CA GLU A 400 -16.54 -13.28 18.22
C GLU A 400 -16.70 -11.96 17.44
N SER A 401 -16.05 -11.84 16.28
CA SER A 401 -16.17 -10.65 15.44
C SER A 401 -17.58 -10.49 14.84
N ARG A 402 -18.29 -11.60 14.68
CA ARG A 402 -19.67 -11.57 14.14
C ARG A 402 -20.74 -11.31 15.21
N ARG A 403 -20.40 -11.53 16.48
CA ARG A 403 -21.21 -11.08 17.62
C ARG A 403 -21.11 -9.57 17.84
N ARG A 404 -19.89 -9.04 17.74
CA ARG A 404 -19.59 -7.62 17.87
C ARG A 404 -20.15 -6.79 16.72
N SER A 405 -20.36 -7.45 15.58
CA SER A 405 -21.02 -6.90 14.39
C SER A 405 -22.54 -6.77 14.67
N GLU A 406 -23.11 -7.78 15.34
CA GLU A 406 -24.52 -7.81 15.77
C GLU A 406 -24.85 -6.75 16.82
N ARG A 407 -23.87 -6.39 17.64
CA ARG A 407 -24.06 -5.39 18.68
C ARG A 407 -24.29 -4.01 18.08
N GLU B 2 10.15 -27.82 21.18
CA GLU B 2 8.92 -27.47 21.87
C GLU B 2 8.99 -26.04 22.40
N PHE B 3 7.91 -25.29 22.19
CA PHE B 3 7.80 -23.90 22.65
C PHE B 3 6.49 -23.52 23.39
N TRP B 4 5.52 -24.43 23.42
CA TRP B 4 4.21 -24.14 24.03
C TRP B 4 4.19 -23.71 25.51
N ASN B 5 5.08 -24.26 26.34
CA ASN B 5 5.12 -23.88 27.76
C ASN B 5 5.68 -22.46 27.98
N GLU B 6 6.64 -22.06 27.14
CA GLU B 6 7.24 -20.72 27.14
C GLU B 6 6.21 -19.69 26.65
N TYR B 7 5.43 -20.08 25.65
CA TYR B 7 4.35 -19.26 25.09
C TYR B 7 3.26 -18.97 26.14
N GLU B 8 2.82 -19.99 26.88
CA GLU B 8 1.80 -19.83 27.94
C GLU B 8 2.34 -18.98 29.10
N ASP B 9 3.63 -19.12 29.39
CA ASP B 9 4.35 -18.32 30.41
C ASP B 9 4.35 -16.84 30.00
N PHE B 10 4.64 -16.59 28.71
CA PHE B 10 4.60 -15.25 28.12
C PHE B 10 3.18 -14.69 28.19
N ARG B 11 2.22 -15.50 27.72
CA ARG B 11 0.78 -15.19 27.68
C ARG B 11 0.22 -14.79 29.06
N SER B 12 0.60 -15.53 30.10
CA SER B 12 0.19 -15.27 31.49
C SER B 12 0.85 -14.02 32.06
N PHE B 13 2.14 -13.83 31.79
CA PHE B 13 2.89 -12.65 32.22
C PHE B 13 2.26 -11.39 31.62
N PHE B 14 1.94 -11.44 30.32
CA PHE B 14 1.27 -10.34 29.61
C PHE B 14 -0.07 -9.97 30.23
N LYS B 15 -0.96 -10.95 30.41
CA LYS B 15 -2.27 -10.70 31.01
C LYS B 15 -2.17 -10.10 32.43
N LYS B 16 -1.27 -10.65 33.25
CA LYS B 16 -1.05 -10.18 34.62
C LYS B 16 -0.51 -8.74 34.70
N LYS B 17 0.56 -8.45 33.93
CA LYS B 17 1.22 -7.12 33.89
C LYS B 17 0.49 -6.06 33.08
N PHE B 18 0.02 -6.38 31.86
CA PHE B 18 -0.72 -5.40 31.05
C PHE B 18 -2.16 -5.20 31.53
N GLY B 19 -2.78 -6.25 32.07
CA GLY B 19 -4.15 -6.18 32.57
C GLY B 19 -5.17 -6.79 31.63
N LYS B 20 -4.79 -6.92 30.35
CA LYS B 20 -5.64 -7.51 29.31
C LYS B 20 -4.90 -8.64 28.60
N ASP B 21 -5.65 -9.50 27.90
CA ASP B 21 -5.10 -10.63 27.14
C ASP B 21 -4.40 -10.13 25.87
N LEU B 22 -3.48 -10.94 25.35
CA LEU B 22 -2.78 -10.68 24.08
C LEU B 22 -3.84 -10.63 23.00
N THR B 23 -3.71 -9.72 22.03
CA THR B 23 -4.65 -9.68 20.91
C THR B 23 -4.28 -10.77 19.89
N GLY B 24 -5.10 -10.94 18.86
CA GLY B 24 -4.85 -11.90 17.79
C GLY B 24 -3.45 -11.77 17.22
N TYR B 25 -3.06 -10.54 16.88
CA TYR B 25 -1.72 -10.23 16.34
C TYR B 25 -0.61 -10.47 17.34
N GLN B 26 -0.80 -10.00 18.58
CA GLN B 26 0.18 -10.19 19.65
C GLN B 26 0.42 -11.68 20.00
N ARG B 27 -0.61 -12.53 19.85
CA ARG B 27 -0.49 -13.99 20.02
C ARG B 27 0.50 -14.54 19.01
N LEU B 28 0.36 -14.09 17.75
CA LEU B 28 1.24 -14.46 16.64
C LEU B 28 2.66 -13.99 16.90
N TRP B 29 2.80 -12.75 17.37
CA TRP B 29 4.10 -12.16 17.66
C TRP B 29 4.78 -12.85 18.86
N ALA B 30 3.99 -13.23 19.87
CA ALA B 30 4.48 -13.96 21.04
C ALA B 30 5.04 -15.34 20.67
N LYS B 31 4.33 -16.08 19.80
CA LYS B 31 4.77 -17.40 19.32
C LYS B 31 6.13 -17.34 18.61
N ARG B 32 6.46 -16.20 18.00
CA ARG B 32 7.75 -15.97 17.33
C ARG B 32 8.86 -15.63 18.32
N ILE B 33 8.58 -14.68 19.22
CA ILE B 33 9.54 -14.23 20.26
C ILE B 33 10.07 -15.38 21.11
N VAL B 34 9.14 -16.23 21.52
CA VAL B 34 9.33 -17.41 22.33
C VAL B 34 10.21 -18.50 21.63
N GLN B 35 10.27 -18.42 20.29
CA GLN B 35 11.09 -19.30 19.44
C GLN B 35 12.40 -18.65 18.97
N GLY B 36 12.62 -17.39 19.35
CA GLY B 36 13.82 -16.64 19.00
C GLY B 36 13.83 -16.03 17.61
N LYS B 37 12.66 -15.95 16.98
CA LYS B 37 12.53 -15.43 15.60
C LYS B 37 12.43 -13.89 15.54
N SER B 38 12.98 -13.34 14.44
CA SER B 38 12.94 -11.93 14.07
C SER B 38 11.80 -11.73 13.10
N PHE B 39 11.19 -10.55 13.10
CA PHE B 39 10.05 -10.33 12.23
C PHE B 39 9.64 -8.87 12.13
N THR B 40 8.83 -8.60 11.12
CA THR B 40 8.22 -7.31 10.88
C THR B 40 6.78 -7.43 11.36
N MET B 41 6.37 -6.46 12.17
CA MET B 41 4.99 -6.44 12.67
C MET B 41 4.08 -5.93 11.56
N VAL B 42 3.31 -6.83 10.98
CA VAL B 42 2.36 -6.50 9.90
C VAL B 42 0.94 -6.44 10.51
N ALA B 43 0.46 -5.23 10.81
CA ALA B 43 -0.86 -5.00 11.42
C ALA B 43 -1.53 -3.75 10.82
N PRO B 44 -2.84 -3.85 10.46
CA PRO B 44 -3.52 -2.71 9.82
C PRO B 44 -3.78 -1.51 10.74
N THR B 45 -3.90 -1.75 12.05
CA THR B 45 -4.19 -0.71 13.04
C THR B 45 -2.96 0.06 13.52
N GLY B 46 -1.89 -0.66 13.89
CA GLY B 46 -0.68 -0.08 14.43
C GLY B 46 -0.66 -0.13 15.95
N VAL B 47 -1.86 -0.21 16.54
CA VAL B 47 -2.09 -0.27 17.99
C VAL B 47 -1.58 -1.58 18.60
N GLY B 48 -1.01 -1.48 19.80
CA GLY B 48 -0.49 -2.62 20.53
C GLY B 48 0.87 -3.14 20.09
N LYS B 49 1.59 -2.34 19.28
CA LYS B 49 2.93 -2.68 18.77
C LYS B 49 4.02 -2.32 19.79
N THR B 50 3.98 -1.09 20.30
CA THR B 50 4.91 -0.59 21.32
C THR B 50 4.73 -1.31 22.66
N THR B 51 3.47 -1.55 23.05
CA THR B 51 3.10 -2.30 24.25
C THR B 51 3.73 -3.69 24.19
N PHE B 52 3.57 -4.37 23.06
CA PHE B 52 4.14 -5.71 22.85
C PHE B 52 5.67 -5.74 23.00
N GLY B 53 6.39 -4.80 22.36
CA GLY B 53 7.83 -4.69 22.48
C GLY B 53 8.29 -4.38 23.89
N MET B 54 7.51 -3.55 24.58
CA MET B 54 7.76 -3.19 25.96
C MET B 54 7.56 -4.38 26.91
N MET B 55 6.49 -5.16 26.70
CA MET B 55 6.20 -6.35 27.51
C MET B 55 7.18 -7.51 27.24
N THR B 56 7.64 -7.65 25.99
CA THR B 56 8.65 -8.63 25.59
C THR B 56 9.97 -8.41 26.35
N ALA B 57 10.45 -7.16 26.33
CA ALA B 57 11.66 -6.73 27.05
C ALA B 57 11.58 -7.04 28.55
N LEU B 58 10.41 -6.79 29.14
CA LEU B 58 10.13 -7.06 30.55
C LEU B 58 10.17 -8.56 30.87
N TRP B 59 9.56 -9.38 30.01
CA TRP B 59 9.54 -10.83 30.17
C TRP B 59 10.93 -11.45 30.04
N LEU B 60 11.70 -10.99 29.05
CA LEU B 60 13.08 -11.42 28.79
C LEU B 60 14.00 -11.07 29.97
N ALA B 61 13.78 -9.90 30.57
CA ALA B 61 14.52 -9.42 31.74
C ALA B 61 14.42 -10.36 32.95
N ARG B 62 13.26 -11.00 33.16
CA ARG B 62 13.05 -11.99 34.24
C ARG B 62 14.03 -13.16 34.17
N LYS B 63 14.47 -13.46 32.94
CA LYS B 63 15.43 -14.53 32.61
C LYS B 63 16.85 -13.98 32.52
N GLY B 64 17.03 -12.70 32.86
CA GLY B 64 18.32 -12.03 32.82
C GLY B 64 18.79 -11.60 31.44
N LYS B 65 17.88 -11.62 30.46
CA LYS B 65 18.20 -11.25 29.08
C LYS B 65 18.12 -9.74 28.80
N LYS B 66 18.88 -9.30 27.79
CA LYS B 66 19.03 -7.86 27.50
C LYS B 66 18.25 -7.35 26.27
N SER B 67 17.68 -6.16 26.39
CA SER B 67 16.87 -5.58 25.32
C SER B 67 17.22 -4.11 25.04
N ALA B 68 17.07 -3.72 23.79
CA ALA B 68 17.24 -2.33 23.37
C ALA B 68 15.95 -1.92 22.63
N LEU B 69 15.30 -0.86 23.12
CA LEU B 69 14.06 -0.33 22.52
C LEU B 69 14.43 1.01 21.87
N VAL B 70 14.32 1.06 20.54
CA VAL B 70 14.78 2.20 19.71
C VAL B 70 13.60 2.96 19.08
N PHE B 71 13.49 4.26 19.37
CA PHE B 71 12.37 5.08 18.90
C PHE B 71 12.82 6.27 18.04
N PRO B 72 11.95 6.74 17.11
CA PRO B 72 12.36 7.91 16.29
C PRO B 72 12.32 9.26 17.05
N THR B 73 11.56 9.34 18.13
CA THR B 73 11.36 10.59 18.88
C THR B 73 11.76 10.45 20.37
N VAL B 74 12.15 11.58 20.98
CA VAL B 74 12.50 11.72 22.39
C VAL B 74 11.29 11.48 23.30
N THR B 75 10.11 11.96 22.89
CA THR B 75 8.90 11.75 23.67
C THR B 75 8.50 10.27 23.77
N LEU B 76 8.74 9.50 22.70
CA LEU B 76 8.56 8.04 22.71
C LEU B 76 9.54 7.35 23.66
N VAL B 77 10.79 7.85 23.73
CA VAL B 77 11.80 7.36 24.68
C VAL B 77 11.34 7.61 26.12
N LYS B 78 10.96 8.86 26.42
CA LYS B 78 10.46 9.31 27.73
C LYS B 78 9.23 8.54 28.22
N GLN B 79 8.22 8.41 27.35
CA GLN B 79 6.96 7.70 27.67
C GLN B 79 7.15 6.22 27.93
N THR B 80 8.02 5.58 27.14
CA THR B 80 8.29 4.14 27.27
C THR B 80 9.05 3.86 28.56
N LEU B 81 10.01 4.72 28.88
CA LEU B 81 10.76 4.67 30.14
C LEU B 81 9.85 4.77 31.34
N GLU B 82 8.93 5.74 31.32
CA GLU B 82 7.93 6.00 32.37
C GLU B 82 7.02 4.79 32.59
N ARG B 83 6.46 4.27 31.49
CA ARG B 83 5.59 3.09 31.47
C ARG B 83 6.30 1.84 31.98
N LEU B 84 7.59 1.70 31.63
CA LEU B 84 8.45 0.58 32.08
C LEU B 84 8.76 0.65 33.57
N GLN B 85 9.19 1.81 34.05
CA GLN B 85 9.53 2.00 35.46
C GLN B 85 8.34 1.84 36.44
N LYS B 86 7.11 2.00 35.93
CA LYS B 86 5.88 1.76 36.72
C LYS B 86 5.48 0.27 36.71
N LEU B 87 5.79 -0.43 35.61
CA LEU B 87 5.49 -1.87 35.42
C LEU B 87 6.56 -2.80 35.99
N ALA B 88 7.80 -2.30 36.06
CA ALA B 88 8.98 -3.05 36.51
C ALA B 88 8.93 -3.61 37.94
N ASP B 89 9.55 -4.77 38.10
CA ASP B 89 9.76 -5.43 39.39
C ASP B 89 11.03 -4.80 40.00
N GLU B 90 11.33 -5.13 41.27
CA GLU B 90 12.51 -4.61 41.98
C GLU B 90 13.86 -4.93 41.28
N LYS B 91 14.00 -6.19 40.83
CA LYS B 91 15.18 -6.74 40.14
C LYS B 91 15.60 -6.03 38.82
N VAL B 92 14.60 -5.64 38.00
CA VAL B 92 14.78 -5.02 36.65
C VAL B 92 15.59 -3.69 36.56
N LYS B 93 16.72 -3.77 35.85
CA LYS B 93 17.62 -2.63 35.61
C LYS B 93 17.27 -1.96 34.28
N ILE B 94 16.53 -0.85 34.36
CA ILE B 94 16.09 -0.09 33.18
C ILE B 94 16.76 1.29 33.15
N PHE B 95 17.35 1.63 32.00
CA PHE B 95 18.03 2.91 31.78
C PHE B 95 17.67 3.46 30.41
N GLY B 96 17.44 4.77 30.36
CA GLY B 96 17.15 5.47 29.11
C GLY B 96 18.11 6.61 28.83
N PHE B 97 18.09 7.12 27.59
CA PHE B 97 18.93 8.25 27.17
C PHE B 97 18.32 9.05 26.02
N TYR B 98 18.38 10.37 26.20
CA TYR B 98 18.02 11.39 25.20
C TYR B 98 18.87 12.61 25.55
N SER B 99 19.16 13.47 24.55
CA SER B 99 20.05 14.62 24.76
C SER B 99 19.58 15.71 25.76
N SER B 100 18.27 15.90 25.89
CA SER B 100 17.70 16.87 26.84
C SER B 100 17.63 16.37 28.31
N MET B 101 18.28 15.22 28.56
CA MET B 101 18.35 14.59 29.89
C MET B 101 19.32 15.30 30.84
N LYS B 102 19.09 15.10 32.14
CA LYS B 102 19.91 15.64 33.23
C LYS B 102 21.31 15.03 33.21
N LYS B 103 22.32 15.76 33.68
CA LYS B 103 23.70 15.26 33.77
C LYS B 103 23.79 14.07 34.72
N GLU B 104 23.02 14.12 35.82
CA GLU B 104 22.93 13.05 36.84
C GLU B 104 22.36 11.77 36.21
N GLU B 105 21.24 11.93 35.48
CA GLU B 105 20.54 10.82 34.81
C GLU B 105 21.26 10.26 33.57
N LYS B 106 22.04 11.11 32.87
CA LYS B 106 22.81 10.65 31.72
C LYS B 106 24.07 9.85 32.15
N GLU B 107 24.64 10.20 33.30
CA GLU B 107 25.80 9.50 33.87
C GLU B 107 25.46 8.10 34.39
N LYS B 108 24.22 7.90 34.86
CA LYS B 108 23.71 6.59 35.30
C LYS B 108 23.59 5.64 34.11
N PHE B 109 23.14 6.18 32.97
CA PHE B 109 23.01 5.43 31.71
C PHE B 109 24.39 4.99 31.23
N GLU B 110 25.30 5.96 31.09
CA GLU B 110 26.66 5.78 30.60
C GLU B 110 27.52 4.82 31.42
N LYS B 111 27.34 4.84 32.75
CA LYS B 111 28.05 3.96 33.70
C LYS B 111 27.66 2.50 33.47
N SER B 112 26.36 2.21 33.57
CA SER B 112 25.82 0.86 33.39
C SER B 112 25.94 0.33 31.95
N PHE B 113 25.89 1.23 30.96
CA PHE B 113 26.06 0.88 29.54
C PHE B 113 27.47 0.31 29.35
N GLU B 114 28.47 1.01 29.92
CA GLU B 114 29.88 0.59 29.89
C GLU B 114 30.16 -0.68 30.71
N GLU B 115 29.57 -0.75 31.92
CA GLU B 115 29.74 -1.85 32.89
C GLU B 115 28.89 -3.11 32.61
N ASP B 116 28.00 -3.02 31.62
CA ASP B 116 27.04 -4.08 31.22
C ASP B 116 26.03 -4.46 32.33
N ASP B 117 25.73 -3.48 33.20
CA ASP B 117 24.80 -3.62 34.34
C ASP B 117 23.38 -3.10 34.00
N TYR B 118 22.77 -3.70 32.99
CA TYR B 118 21.42 -3.33 32.55
C TYR B 118 20.67 -4.56 32.03
N HIS B 119 19.36 -4.44 32.01
CA HIS B 119 18.47 -5.44 31.42
C HIS B 119 17.81 -4.80 30.20
N ILE B 120 17.31 -3.57 30.36
CA ILE B 120 16.63 -2.85 29.27
C ILE B 120 17.20 -1.44 29.06
N LEU B 121 17.51 -1.12 27.79
CA LEU B 121 17.96 0.21 27.38
C LEU B 121 16.92 0.78 26.41
N VAL B 122 16.59 2.07 26.59
CA VAL B 122 15.62 2.81 25.77
C VAL B 122 16.34 4.09 25.29
N PHE B 123 16.44 4.25 23.97
CA PHE B 123 17.13 5.37 23.33
C PHE B 123 16.53 5.61 21.91
N SER B 124 17.01 6.62 21.19
CA SER B 124 16.48 6.97 19.86
C SER B 124 17.34 6.51 18.69
N THR B 125 16.83 6.73 17.48
CA THR B 125 17.54 6.42 16.25
C THR B 125 18.79 7.34 16.12
N GLN B 126 18.69 8.55 16.69
CA GLN B 126 19.80 9.51 16.80
C GLN B 126 20.95 8.97 17.67
N PHE B 127 20.62 8.34 18.80
CA PHE B 127 21.60 7.68 19.69
C PHE B 127 22.35 6.58 18.94
N VAL B 128 21.62 5.81 18.12
CA VAL B 128 22.21 4.74 17.31
C VAL B 128 23.26 5.29 16.33
N SER B 129 22.95 6.41 15.66
CA SER B 129 23.86 7.11 14.73
C SER B 129 25.15 7.59 15.39
N LYS B 130 25.02 8.14 16.59
CA LYS B 130 26.14 8.71 17.35
C LYS B 130 26.98 7.65 18.10
N ASN B 131 26.41 6.47 18.34
CA ASN B 131 27.10 5.41 19.11
C ASN B 131 27.25 4.05 18.38
N ARG B 132 27.39 4.05 17.05
CA ARG B 132 27.50 2.79 16.28
C ARG B 132 28.72 1.90 16.58
N GLU B 133 29.84 2.48 17.03
CA GLU B 133 31.01 1.70 17.45
C GLU B 133 30.75 0.95 18.77
N LYS B 134 30.38 1.68 19.83
CA LYS B 134 30.07 1.11 21.16
C LYS B 134 28.93 0.07 21.14
N LEU B 135 27.87 0.32 20.35
CA LEU B 135 26.71 -0.57 20.23
C LEU B 135 27.01 -1.88 19.49
N SER B 136 27.82 -1.78 18.43
CA SER B 136 28.22 -2.96 17.63
C SER B 136 29.14 -3.93 18.40
N GLN B 137 29.59 -3.50 19.58
CA GLN B 137 30.44 -4.29 20.48
C GLN B 137 29.59 -5.04 21.51
N LYS B 138 28.27 -4.85 21.42
CA LYS B 138 27.30 -5.45 22.35
C LYS B 138 26.35 -6.43 21.68
N ARG B 139 25.90 -7.41 22.47
CA ARG B 139 24.87 -8.35 22.01
C ARG B 139 23.63 -8.21 22.88
N PHE B 140 22.50 -7.95 22.22
CA PHE B 140 21.19 -7.87 22.87
C PHE B 140 20.37 -9.08 22.42
N ASP B 141 19.63 -9.65 23.35
CA ASP B 141 18.73 -10.76 23.08
C ASP B 141 17.53 -10.29 22.27
N PHE B 142 17.21 -9.00 22.40
CA PHE B 142 16.06 -8.38 21.73
C PHE B 142 16.33 -6.92 21.36
N VAL B 143 16.10 -6.59 20.08
CA VAL B 143 16.19 -5.21 19.61
C VAL B 143 14.87 -4.86 18.94
N PHE B 144 14.16 -3.88 19.49
CA PHE B 144 12.88 -3.44 18.95
C PHE B 144 13.06 -2.08 18.27
N VAL B 145 12.76 -2.03 16.97
CA VAL B 145 12.89 -0.77 16.23
C VAL B 145 11.54 -0.23 15.78
N ASP B 146 11.15 0.90 16.37
CA ASP B 146 9.90 1.60 16.03
C ASP B 146 9.95 2.21 14.62
N ASP B 147 10.88 3.11 14.31
CA ASP B 147 10.91 3.62 12.93
C ASP B 147 12.01 3.00 12.07
N VAL B 148 11.58 2.27 11.05
CA VAL B 148 12.52 1.61 10.14
C VAL B 148 13.07 2.54 9.05
N ASP B 149 12.27 3.53 8.60
CA ASP B 149 12.69 4.54 7.62
C ASP B 149 13.90 5.31 8.19
N ALA B 150 13.83 5.60 9.50
CA ALA B 150 14.88 6.29 10.27
C ALA B 150 16.19 5.51 10.29
N VAL B 151 16.10 4.21 10.55
CA VAL B 151 17.27 3.34 10.63
C VAL B 151 17.85 2.92 9.26
N LEU B 152 17.02 2.79 8.23
CA LEU B 152 17.48 2.40 6.90
C LEU B 152 18.17 3.53 6.11
N LYS B 153 18.11 4.76 6.64
CA LYS B 153 18.72 5.97 6.04
C LYS B 153 20.21 5.83 5.73
N ALA B 154 20.90 5.01 6.54
CA ALA B 154 22.34 4.71 6.36
C ALA B 154 22.53 3.18 6.29
N SER B 155 23.35 2.72 5.33
CA SER B 155 23.66 1.29 5.16
C SER B 155 24.43 0.76 6.38
N ARG B 156 25.17 1.69 7.01
CA ARG B 156 25.92 1.53 8.26
C ARG B 156 24.99 1.16 9.43
N ASN B 157 23.75 1.64 9.39
CA ASN B 157 22.78 1.36 10.48
C ASN B 157 22.10 -0.04 10.43
N ILE B 158 22.01 -0.63 9.24
CA ILE B 158 21.58 -2.03 9.04
C ILE B 158 22.63 -2.94 9.70
N ASP B 159 23.91 -2.65 9.42
CA ASP B 159 25.09 -3.35 9.97
C ASP B 159 25.15 -3.30 11.51
N THR B 160 24.90 -2.10 12.08
CA THR B 160 24.88 -1.83 13.52
C THR B 160 23.78 -2.67 14.18
N LEU B 161 22.59 -2.64 13.58
CA LEU B 161 21.40 -3.42 14.00
C LEU B 161 21.71 -4.93 14.04
N LEU B 162 22.34 -5.42 12.97
CA LEU B 162 22.79 -6.81 12.81
C LEU B 162 23.85 -7.17 13.86
N MET B 163 24.79 -6.26 14.10
CA MET B 163 25.83 -6.47 15.12
C MET B 163 25.27 -6.45 16.55
N MET B 164 24.24 -5.63 16.79
CA MET B 164 23.54 -5.55 18.08
C MET B 164 22.79 -6.83 18.45
N VAL B 165 22.48 -7.67 17.46
CA VAL B 165 21.82 -8.95 17.75
C VAL B 165 22.79 -10.14 17.76
N GLY B 166 24.09 -9.81 17.75
CA GLY B 166 25.15 -10.79 17.87
C GLY B 166 25.70 -11.38 16.58
N ILE B 167 25.48 -10.68 15.46
CA ILE B 167 26.03 -11.12 14.16
C ILE B 167 27.40 -10.44 13.94
N PRO B 168 28.50 -11.22 13.94
CA PRO B 168 29.83 -10.64 13.73
C PRO B 168 29.96 -9.96 12.35
N GLU B 169 30.74 -8.89 12.32
CA GLU B 169 31.05 -8.07 11.15
C GLU B 169 31.48 -8.93 9.93
N GLU B 170 32.29 -9.97 10.19
CA GLU B 170 32.83 -10.86 9.15
C GLU B 170 31.74 -11.63 8.42
N ILE B 171 30.68 -12.01 9.15
CA ILE B 171 29.53 -12.72 8.57
C ILE B 171 28.63 -11.79 7.73
N ILE B 172 28.47 -10.55 8.18
CA ILE B 172 27.71 -9.52 7.45
C ILE B 172 28.38 -9.25 6.10
N ARG B 173 29.72 -9.14 6.12
CA ARG B 173 30.57 -8.94 4.94
C ARG B 173 30.46 -10.13 3.97
N LYS B 174 30.58 -11.35 4.49
CA LYS B 174 30.44 -12.58 3.67
C LYS B 174 29.03 -12.69 3.07
N ALA B 175 28.01 -12.44 3.89
CA ALA B 175 26.60 -12.42 3.47
C ALA B 175 26.35 -11.42 2.34
N PHE B 176 26.82 -10.18 2.55
CA PHE B 176 26.65 -9.10 1.57
C PHE B 176 27.33 -9.39 0.22
N SER B 177 28.54 -9.95 0.27
CA SER B 177 29.32 -10.40 -0.89
C SER B 177 28.56 -11.45 -1.72
N THR B 178 27.89 -12.38 -1.05
CA THR B 178 27.06 -13.44 -1.67
C THR B 178 25.79 -12.85 -2.31
N ILE B 179 25.09 -11.98 -1.58
CA ILE B 179 23.85 -11.34 -2.02
C ILE B 179 24.09 -10.48 -3.28
N LYS B 180 25.21 -9.75 -3.29
CA LYS B 180 25.64 -8.90 -4.42
C LYS B 180 25.75 -9.69 -5.74
N GLN B 181 26.18 -10.96 -5.65
CA GLN B 181 26.31 -11.88 -6.79
C GLN B 181 24.96 -12.32 -7.39
N GLY B 182 23.89 -12.12 -6.62
CA GLY B 182 22.53 -12.51 -6.99
C GLY B 182 22.12 -13.82 -6.35
N LYS B 183 23.02 -14.34 -5.50
CA LYS B 183 22.89 -15.62 -4.79
C LYS B 183 22.31 -15.45 -3.37
N ILE B 184 21.87 -16.57 -2.79
CA ILE B 184 21.29 -16.61 -1.44
C ILE B 184 22.35 -17.10 -0.44
N TYR B 185 22.62 -16.29 0.59
CA TYR B 185 23.59 -16.64 1.65
C TYR B 185 22.92 -17.55 2.69
N GLU B 186 23.60 -18.65 3.05
CA GLU B 186 23.13 -19.57 4.09
C GLU B 186 23.87 -19.26 5.38
N ARG B 187 23.15 -18.65 6.33
CA ARG B 187 23.74 -18.24 7.61
C ARG B 187 24.31 -19.45 8.37
N PRO B 188 25.38 -19.25 9.20
CA PRO B 188 25.88 -20.37 10.00
C PRO B 188 24.83 -20.83 11.02
N LYS B 189 24.57 -22.14 11.04
CA LYS B 189 23.55 -22.75 11.90
C LYS B 189 23.86 -22.68 13.42
N ASN B 190 25.14 -22.64 13.77
CA ASN B 190 25.58 -22.56 15.18
C ASN B 190 25.58 -21.13 15.75
N LEU B 191 25.35 -20.13 14.90
CA LEU B 191 25.24 -18.73 15.34
C LEU B 191 23.78 -18.61 15.72
N LYS B 192 23.53 -18.23 16.96
CA LYS B 192 22.17 -18.03 17.43
C LYS B 192 22.00 -16.51 17.71
N PRO B 193 21.65 -15.72 16.67
CA PRO B 193 21.50 -14.29 16.92
C PRO B 193 20.28 -13.97 17.81
N GLY B 194 20.21 -12.74 18.33
CA GLY B 194 19.08 -12.27 19.11
C GLY B 194 17.89 -11.94 18.20
N ILE B 195 16.79 -11.53 18.81
CA ILE B 195 15.56 -11.19 18.08
C ILE B 195 15.58 -9.73 17.65
N LEU B 196 15.34 -9.50 16.36
CA LEU B 196 15.19 -8.13 15.86
C LEU B 196 13.73 -7.95 15.41
N VAL B 197 13.04 -7.00 16.00
CA VAL B 197 11.66 -6.71 15.60
C VAL B 197 11.54 -5.30 15.07
N VAL B 198 10.94 -5.20 13.89
CA VAL B 198 10.67 -3.93 13.24
C VAL B 198 9.14 -3.70 13.26
N SER B 199 8.71 -2.59 13.85
CA SER B 199 7.28 -2.28 13.96
C SER B 199 6.67 -1.80 12.64
N SER B 200 7.36 -0.91 11.93
CA SER B 200 6.91 -0.40 10.63
C SER B 200 6.84 -1.58 9.68
N ALA B 201 5.73 -1.72 8.96
CA ALA B 201 5.53 -2.85 8.05
C ALA B 201 6.43 -2.72 6.82
N THR B 202 6.32 -1.59 6.11
CA THR B 202 7.09 -1.32 4.89
C THR B 202 8.11 -0.15 5.03
N ALA B 203 8.97 0.02 4.02
CA ALA B 203 10.01 1.06 3.94
C ALA B 203 10.20 1.55 2.50
N LYS B 204 10.57 2.82 2.33
CA LYS B 204 10.83 3.47 1.01
C LYS B 204 11.98 2.76 0.24
N PRO B 205 12.01 2.82 -1.11
CA PRO B 205 13.08 2.11 -1.86
C PRO B 205 14.53 2.61 -1.60
N ARG B 206 15.31 1.77 -0.92
CA ARG B 206 16.71 2.06 -0.54
C ARG B 206 17.69 0.86 -0.62
N GLY B 207 18.04 0.50 -1.86
CA GLY B 207 19.05 -0.48 -2.20
C GLY B 207 18.96 -1.96 -1.85
N ILE B 208 20.13 -2.61 -1.97
CA ILE B 208 20.40 -4.05 -1.83
C ILE B 208 20.70 -4.55 -0.38
N ARG B 209 21.15 -3.64 0.50
CA ARG B 209 21.42 -3.90 1.93
C ARG B 209 20.29 -4.54 2.79
N PRO B 210 18.98 -4.18 2.59
CA PRO B 210 17.95 -4.80 3.43
C PRO B 210 17.75 -6.32 3.22
N LEU B 211 18.35 -6.88 2.17
CA LEU B 211 18.35 -8.32 1.91
C LEU B 211 19.20 -9.11 2.93
N LEU B 212 20.07 -8.41 3.68
CA LEU B 212 20.88 -9.01 4.77
C LEU B 212 19.98 -9.58 5.86
N PHE B 213 18.82 -8.93 6.07
CA PHE B 213 17.82 -9.37 7.04
C PHE B 213 17.21 -10.70 6.61
N ARG B 214 16.95 -10.81 5.30
CA ARG B 214 16.40 -12.02 4.70
C ARG B 214 17.28 -13.25 4.94
N ASP B 215 18.59 -13.12 4.74
CA ASP B 215 19.51 -14.26 4.83
C ASP B 215 20.14 -14.50 6.22
N LEU B 216 20.24 -13.46 7.04
CA LEU B 216 20.84 -13.55 8.38
C LEU B 216 19.81 -13.75 9.48
N LEU B 217 18.62 -13.15 9.32
CA LEU B 217 17.58 -13.18 10.35
C LEU B 217 16.23 -13.78 9.87
N ASN B 218 16.21 -14.26 8.63
CA ASN B 218 15.04 -14.92 7.98
C ASN B 218 13.74 -14.09 7.97
N PHE B 219 13.84 -12.79 7.67
CA PHE B 219 12.68 -11.91 7.54
C PHE B 219 13.01 -10.75 6.59
N THR B 220 12.01 -10.19 5.93
CA THR B 220 12.26 -9.13 4.97
C THR B 220 11.62 -7.82 5.42
N VAL B 221 12.33 -6.70 5.26
CA VAL B 221 11.76 -5.41 5.56
C VAL B 221 10.88 -5.07 4.37
N GLY B 222 9.59 -4.89 4.63
CA GLY B 222 8.58 -4.63 3.61
C GLY B 222 8.92 -3.53 2.61
N ARG B 223 8.32 -3.62 1.43
CA ARG B 223 8.52 -2.63 0.37
C ARG B 223 7.32 -1.70 0.21
N LEU B 224 7.57 -0.40 0.33
CA LEU B 224 6.57 0.64 0.16
C LEU B 224 6.26 0.71 -1.33
N VAL B 225 5.09 0.21 -1.74
CA VAL B 225 4.69 0.22 -3.16
C VAL B 225 4.42 1.67 -3.60
N SER B 226 5.11 2.12 -4.66
CA SER B 226 4.96 3.49 -5.19
C SER B 226 3.57 3.71 -5.76
N VAL B 227 2.85 4.66 -5.18
CA VAL B 227 1.51 5.04 -5.65
C VAL B 227 1.63 5.60 -7.07
N ALA B 228 2.22 6.80 -7.15
CA ALA B 228 2.37 7.60 -8.40
C ALA B 228 3.23 7.03 -9.53
N ARG B 229 2.55 6.92 -10.66
CA ARG B 229 3.11 6.44 -11.91
C ARG B 229 2.73 7.39 -13.05
N ASN B 230 3.70 7.62 -13.92
CA ASN B 230 3.55 8.46 -15.11
C ASN B 230 4.24 7.67 -16.23
N ILE B 231 3.51 6.67 -16.74
CA ILE B 231 4.04 5.77 -17.77
C ILE B 231 3.17 5.88 -19.01
N THR B 232 3.80 5.81 -20.19
CA THR B 232 3.09 5.65 -21.45
C THR B 232 3.42 4.25 -21.91
N HIS B 233 2.37 3.42 -22.09
CA HIS B 233 2.48 2.03 -22.54
C HIS B 233 2.19 1.98 -24.04
N VAL B 234 3.13 1.42 -24.82
CA VAL B 234 2.99 1.33 -26.27
C VAL B 234 3.16 -0.12 -26.75
N ARG B 235 2.30 -0.57 -27.65
CA ARG B 235 2.35 -1.94 -28.18
C ARG B 235 2.83 -1.94 -29.65
N ILE B 236 3.83 -2.78 -29.96
CA ILE B 236 4.28 -3.04 -31.33
C ILE B 236 3.69 -4.41 -31.67
N SER B 237 2.91 -4.44 -32.73
CA SER B 237 2.15 -5.61 -33.13
C SER B 237 2.97 -6.56 -33.98
N SER B 238 4.19 -6.84 -33.50
CA SER B 238 5.15 -7.75 -34.13
C SER B 238 6.33 -8.03 -33.18
N ARG B 239 7.27 -8.85 -33.64
CA ARG B 239 8.53 -9.09 -32.93
C ARG B 239 9.70 -8.74 -33.87
N SER B 240 9.63 -7.55 -34.48
CA SER B 240 10.66 -7.10 -35.43
C SER B 240 11.89 -6.57 -34.69
N LYS B 241 13.00 -7.27 -34.88
CA LYS B 241 14.27 -6.86 -34.29
C LYS B 241 14.73 -5.55 -34.95
N GLU B 242 14.25 -5.30 -36.17
CA GLU B 242 14.52 -4.08 -36.93
C GLU B 242 13.83 -2.88 -36.27
N LYS B 243 12.56 -3.07 -35.86
CA LYS B 243 11.77 -2.07 -35.11
C LYS B 243 12.41 -1.80 -33.75
N LEU B 244 12.92 -2.86 -33.13
CA LEU B 244 13.60 -2.79 -31.83
C LEU B 244 14.88 -1.96 -31.93
N VAL B 245 15.70 -2.24 -32.96
CA VAL B 245 16.93 -1.49 -33.22
C VAL B 245 16.63 0.00 -33.42
N GLU B 246 15.57 0.33 -34.17
CA GLU B 246 15.25 1.75 -34.35
C GLU B 246 14.74 2.48 -33.09
N LEU B 247 14.16 1.74 -32.13
CA LEU B 247 13.79 2.31 -30.82
C LEU B 247 15.04 2.47 -29.96
N LEU B 248 15.94 1.48 -29.98
CA LEU B 248 17.18 1.55 -29.21
C LEU B 248 18.06 2.70 -29.66
N GLU B 249 17.98 3.04 -30.95
CA GLU B 249 18.75 4.12 -31.55
C GLU B 249 18.35 5.49 -31.04
N ILE B 250 17.07 5.66 -30.69
CA ILE B 250 16.60 6.95 -30.15
C ILE B 250 16.47 6.97 -28.63
N PHE B 251 16.16 5.82 -28.02
CA PHE B 251 16.09 5.70 -26.56
C PHE B 251 17.51 5.77 -25.97
N ARG B 252 18.46 5.12 -26.64
CA ARG B 252 19.90 5.16 -26.31
C ARG B 252 20.37 4.46 -25.02
N ASP B 253 19.88 4.92 -23.86
CA ASP B 253 20.34 4.36 -22.58
C ASP B 253 19.26 4.28 -21.49
N GLY B 254 19.55 3.56 -20.40
CA GLY B 254 18.60 3.31 -19.32
C GLY B 254 17.51 2.33 -19.72
N ILE B 255 17.86 1.39 -20.60
CA ILE B 255 16.92 0.43 -21.17
C ILE B 255 17.02 -0.96 -20.55
N LEU B 256 15.85 -1.48 -20.18
CA LEU B 256 15.67 -2.80 -19.62
C LEU B 256 14.84 -3.58 -20.62
N ILE B 257 15.38 -4.69 -21.10
CA ILE B 257 14.62 -5.55 -21.98
C ILE B 257 14.31 -6.84 -21.22
N PHE B 258 13.03 -7.24 -21.22
CA PHE B 258 12.55 -8.50 -20.59
C PHE B 258 12.16 -9.52 -21.61
N ALA B 259 12.89 -10.63 -21.63
CA ALA B 259 12.57 -11.76 -22.48
C ALA B 259 11.75 -12.79 -21.70
N GLN B 260 10.92 -13.55 -22.41
CA GLN B 260 10.05 -14.58 -21.79
C GLN B 260 10.84 -15.79 -21.28
N THR B 261 11.86 -16.19 -22.05
CA THR B 261 12.70 -17.34 -21.72
C THR B 261 14.21 -16.97 -21.86
N GLU B 262 15.09 -17.73 -21.19
CA GLU B 262 16.54 -17.53 -21.26
C GLU B 262 17.09 -17.77 -22.68
N GLU B 263 16.40 -18.64 -23.43
CA GLU B 263 16.70 -19.01 -24.83
C GLU B 263 16.45 -17.82 -25.76
N GLU B 264 15.31 -17.13 -25.60
CA GLU B 264 14.94 -15.94 -26.39
C GLU B 264 15.80 -14.75 -26.00
N GLY B 265 16.17 -14.71 -24.72
CA GLY B 265 17.03 -13.67 -24.16
C GLY B 265 18.42 -13.69 -24.76
N LYS B 266 18.98 -14.90 -24.91
CA LYS B 266 20.31 -15.11 -25.50
C LYS B 266 20.35 -14.76 -26.98
N GLU B 267 19.26 -15.10 -27.69
CA GLU B 267 19.06 -14.83 -29.11
C GLU B 267 19.10 -13.32 -29.38
N LEU B 268 18.38 -12.60 -28.54
CA LEU B 268 18.28 -11.15 -28.55
C LEU B 268 19.62 -10.50 -28.20
N TYR B 269 20.31 -11.04 -27.18
CA TYR B 269 21.66 -10.61 -26.75
C TYR B 269 22.69 -10.76 -27.88
N GLU B 270 22.66 -11.92 -28.57
CA GLU B 270 23.52 -12.25 -29.71
C GLU B 270 23.38 -11.22 -30.83
N TYR B 271 22.13 -10.95 -31.20
CA TYR B 271 21.75 -10.01 -32.26
C TYR B 271 22.18 -8.59 -31.91
N LEU B 272 21.91 -8.14 -30.68
CA LEU B 272 22.25 -6.78 -30.26
C LEU B 272 23.77 -6.52 -30.21
N LYS B 273 24.54 -7.47 -29.69
CA LYS B 273 26.02 -7.43 -29.65
C LYS B 273 26.60 -7.32 -31.06
N ARG B 274 25.97 -8.02 -32.00
CA ARG B 274 26.34 -8.01 -33.41
C ARG B 274 26.16 -6.63 -34.02
N PHE B 275 25.08 -5.96 -33.62
CA PHE B 275 24.76 -4.61 -34.08
C PHE B 275 25.48 -3.54 -33.23
N LYS B 276 26.51 -4.02 -32.53
CA LYS B 276 27.47 -3.24 -31.71
C LYS B 276 26.88 -2.40 -30.57
N PHE B 277 25.67 -2.79 -30.12
CA PHE B 277 25.01 -2.15 -28.97
C PHE B 277 25.75 -2.48 -27.67
N ASN B 278 25.75 -1.53 -26.74
CA ASN B 278 26.40 -1.65 -25.43
C ASN B 278 25.43 -2.39 -24.47
N VAL B 279 25.38 -3.72 -24.63
CA VAL B 279 24.50 -4.64 -23.89
C VAL B 279 25.17 -5.49 -22.84
N GLY B 280 24.40 -5.72 -21.76
CA GLY B 280 24.71 -6.61 -20.66
C GLY B 280 23.53 -7.55 -20.46
N GLU B 281 23.79 -8.68 -19.81
CA GLU B 281 22.77 -9.70 -19.54
C GLU B 281 22.74 -10.08 -18.04
N THR B 282 21.68 -10.70 -17.56
CA THR B 282 21.67 -11.04 -16.14
C THR B 282 21.82 -12.53 -15.80
N TRP B 283 21.64 -13.41 -16.78
CA TRP B 283 21.73 -14.86 -16.55
C TRP B 283 23.14 -15.40 -16.21
N SER B 284 24.17 -14.93 -16.90
CA SER B 284 25.55 -15.39 -16.70
C SER B 284 26.36 -14.55 -15.70
N GLU B 285 26.51 -13.25 -15.95
CA GLU B 285 27.26 -12.38 -15.04
C GLU B 285 26.37 -11.28 -14.47
N PHE B 286 25.56 -11.62 -13.46
CA PHE B 286 24.64 -10.67 -12.84
C PHE B 286 25.36 -9.56 -12.07
N GLU B 287 26.30 -9.94 -11.18
CA GLU B 287 27.09 -9.02 -10.35
C GLU B 287 27.74 -7.90 -11.17
N LYS B 288 28.51 -8.27 -12.19
CA LYS B 288 29.23 -7.35 -13.09
C LYS B 288 28.32 -6.51 -13.98
N ASN B 289 27.33 -7.12 -14.65
CA ASN B 289 26.43 -6.39 -15.56
C ASN B 289 25.41 -5.47 -14.87
N PHE B 290 24.93 -5.86 -13.69
CA PHE B 290 23.97 -5.05 -12.91
C PHE B 290 24.66 -3.82 -12.30
N GLU B 291 25.98 -3.92 -12.06
CA GLU B 291 26.78 -2.80 -11.54
C GLU B 291 27.18 -1.87 -12.67
N ASP B 292 27.54 -2.45 -13.82
CA ASP B 292 27.89 -1.73 -15.05
C ASP B 292 26.66 -0.97 -15.58
N PHE B 293 25.46 -1.56 -15.43
CA PHE B 293 24.20 -0.92 -15.86
C PHE B 293 23.92 0.29 -14.96
N LYS B 294 23.83 0.05 -13.64
CA LYS B 294 23.55 1.04 -12.59
C LYS B 294 24.46 2.30 -12.59
N VAL B 295 25.73 2.15 -13.01
CA VAL B 295 26.72 3.25 -13.10
C VAL B 295 26.81 3.87 -14.53
N GLY B 296 26.08 3.28 -15.47
CA GLY B 296 26.00 3.77 -16.84
C GLY B 296 27.04 3.25 -17.82
N LYS B 297 27.81 2.24 -17.43
CA LYS B 297 28.82 1.62 -18.30
C LYS B 297 28.16 0.86 -19.45
N ILE B 298 27.08 0.12 -19.15
CA ILE B 298 26.27 -0.55 -20.18
C ILE B 298 24.93 0.20 -20.32
N ASN B 299 24.51 0.39 -21.58
CA ASN B 299 23.31 1.13 -21.95
C ASN B 299 21.98 0.35 -21.85
N ILE B 300 22.08 -0.95 -22.15
CA ILE B 300 20.95 -1.87 -22.20
C ILE B 300 21.26 -3.12 -21.34
N LEU B 301 20.29 -3.54 -20.54
CA LEU B 301 20.37 -4.75 -19.72
C LEU B 301 19.22 -5.67 -20.17
N ILE B 302 19.55 -6.90 -20.59
CA ILE B 302 18.54 -7.90 -20.98
C ILE B 302 18.38 -8.88 -19.84
N GLY B 303 17.13 -9.14 -19.49
CA GLY B 303 16.77 -10.05 -18.41
C GLY B 303 15.67 -11.00 -18.80
N VAL B 304 15.50 -12.05 -17.99
CA VAL B 304 14.46 -13.04 -18.26
C VAL B 304 13.33 -12.82 -17.26
N GLN B 305 12.13 -12.62 -17.83
CA GLN B 305 10.84 -12.33 -17.16
C GLN B 305 10.57 -13.09 -15.85
N ALA B 306 11.14 -14.29 -15.71
CA ALA B 306 11.00 -15.15 -14.51
C ALA B 306 12.25 -15.22 -13.59
N TYR B 307 13.04 -14.14 -13.60
CA TYR B 307 14.26 -14.02 -12.74
C TYR B 307 14.46 -12.69 -11.93
N TYR B 308 13.34 -12.08 -11.52
CA TYR B 308 13.26 -10.84 -10.71
C TYR B 308 14.12 -9.64 -11.17
N VAL B 315 16.56 -4.36 -9.95
CA VAL B 315 16.56 -3.22 -10.86
C VAL B 315 15.60 -2.14 -10.33
N ASP B 316 16.11 -1.21 -9.51
CA ASP B 316 15.25 -0.21 -8.85
C ASP B 316 15.25 1.19 -9.49
N LEU B 317 16.44 1.76 -9.61
CA LEU B 317 16.59 3.16 -9.89
C LEU B 317 15.83 3.57 -11.13
N PRO B 318 14.99 4.59 -10.97
CA PRO B 318 14.24 5.21 -12.05
C PRO B 318 15.02 6.36 -12.74
N GLU B 319 16.15 6.77 -12.15
CA GLU B 319 17.07 7.75 -12.74
C GLU B 319 17.84 7.06 -13.88
N ARG B 320 18.26 5.81 -13.61
CA ARG B 320 18.85 4.88 -14.61
C ARG B 320 17.89 4.16 -15.60
N ILE B 321 16.82 3.54 -15.09
CA ILE B 321 15.74 2.95 -15.92
C ILE B 321 14.74 4.01 -16.37
N LYS B 322 14.71 4.21 -17.68
CA LYS B 322 13.81 5.17 -18.32
C LYS B 322 12.84 4.44 -19.23
N TYR B 323 13.31 3.34 -19.83
CA TYR B 323 12.57 2.57 -20.84
C TYR B 323 12.58 1.10 -20.46
N VAL B 324 11.39 0.51 -20.55
CA VAL B 324 11.18 -0.91 -20.29
C VAL B 324 10.61 -1.52 -21.56
N ILE B 325 11.28 -2.52 -22.11
CA ILE B 325 10.81 -3.20 -23.32
C ILE B 325 10.53 -4.68 -22.99
N PHE B 326 9.31 -5.14 -23.31
CA PHE B 326 8.89 -6.53 -23.11
C PHE B 326 8.93 -7.25 -24.46
N TRP B 327 9.76 -8.30 -24.55
CA TRP B 327 9.89 -9.12 -25.76
C TRP B 327 8.89 -10.27 -25.57
N GLY B 328 7.65 -9.95 -25.92
CA GLY B 328 6.50 -10.80 -25.67
C GLY B 328 5.92 -10.43 -24.31
N THR B 329 4.64 -10.71 -24.07
CA THR B 329 4.04 -10.34 -22.79
C THR B 329 4.40 -11.34 -21.66
N PRO B 330 4.65 -10.84 -20.41
CA PRO B 330 4.88 -11.78 -19.30
C PRO B 330 3.80 -12.87 -19.28
N SER B 331 4.24 -14.13 -19.39
CA SER B 331 3.34 -15.28 -19.50
C SER B 331 2.19 -15.34 -18.47
N GLY B 332 0.97 -15.44 -19.00
CA GLY B 332 -0.28 -15.46 -18.23
C GLY B 332 -1.51 -14.99 -19.03
N PRO B 333 -1.64 -13.68 -19.32
CA PRO B 333 -0.75 -12.57 -18.96
C PRO B 333 -0.70 -12.25 -17.45
N ASP B 334 0.53 -12.05 -16.99
CA ASP B 334 0.88 -11.77 -15.59
C ASP B 334 0.97 -10.24 -15.45
N VAL B 335 -0.16 -9.63 -15.09
CA VAL B 335 -0.26 -8.18 -14.93
C VAL B 335 0.63 -7.70 -13.78
N TYR B 336 0.66 -8.45 -12.69
CA TYR B 336 1.52 -8.09 -11.57
C TYR B 336 2.94 -7.83 -12.04
N THR B 337 3.53 -8.81 -12.71
CA THR B 337 4.91 -8.70 -13.22
C THR B 337 5.02 -7.55 -14.22
N TYR B 338 3.98 -7.35 -15.03
CA TYR B 338 3.96 -6.24 -15.96
C TYR B 338 3.97 -4.87 -15.23
N ILE B 339 3.12 -4.75 -14.20
CA ILE B 339 2.96 -3.53 -13.39
C ILE B 339 4.26 -3.17 -12.65
N GLN B 340 4.88 -4.17 -12.03
CA GLN B 340 6.13 -3.99 -11.30
C GLN B 340 7.32 -3.65 -12.20
N ALA B 341 7.47 -4.35 -13.32
CA ALA B 341 8.57 -4.12 -14.28
C ALA B 341 8.44 -2.78 -14.97
N SER B 342 7.23 -2.44 -15.45
CA SER B 342 7.01 -1.12 -16.05
C SER B 342 7.16 0.01 -15.01
N GLY B 343 6.84 -0.28 -13.74
CA GLY B 343 6.92 0.64 -12.61
C GLY B 343 8.31 1.18 -12.29
N ARG B 344 9.34 0.39 -12.65
CA ARG B 344 10.77 0.72 -12.54
C ARG B 344 11.18 1.97 -13.35
N SER B 345 10.40 2.31 -14.38
CA SER B 345 10.66 3.47 -15.25
C SER B 345 10.05 4.79 -14.74
N SER B 346 9.22 4.71 -13.71
CA SER B 346 8.59 5.92 -13.18
C SER B 346 8.32 5.84 -11.69
N ARG B 347 8.74 6.88 -10.98
CA ARG B 347 8.52 7.07 -9.54
C ARG B 347 8.90 8.53 -9.23
N ILE B 348 8.52 9.00 -8.04
CA ILE B 348 8.90 10.31 -7.47
C ILE B 348 10.38 10.28 -7.05
N LEU B 349 11.11 11.32 -7.47
CA LEU B 349 12.54 11.49 -7.24
C LEU B 349 12.72 13.01 -7.10
N ASN B 350 13.09 13.47 -5.89
CA ASN B 350 13.21 14.90 -5.56
C ASN B 350 11.89 15.65 -5.82
N GLY B 351 10.79 15.07 -5.33
CA GLY B 351 9.45 15.60 -5.51
C GLY B 351 8.89 15.50 -6.93
N VAL B 352 9.74 15.15 -7.88
CA VAL B 352 9.38 15.12 -9.31
C VAL B 352 8.90 13.73 -9.75
N LEU B 353 7.67 13.65 -10.31
CA LEU B 353 7.12 12.43 -10.91
C LEU B 353 7.65 12.29 -12.35
N VAL B 354 8.77 11.57 -12.43
CA VAL B 354 9.48 11.32 -13.66
C VAL B 354 8.71 10.39 -14.59
N LYS B 355 8.93 10.60 -15.89
CA LYS B 355 8.26 9.85 -16.96
C LYS B 355 8.94 8.53 -17.31
N GLY B 356 8.10 7.51 -17.54
CA GLY B 356 8.54 6.20 -17.99
C GLY B 356 7.87 5.79 -19.31
N VAL B 357 8.59 5.01 -20.11
CA VAL B 357 8.04 4.46 -21.35
C VAL B 357 8.15 2.93 -21.31
N SER B 358 7.01 2.26 -21.46
CA SER B 358 6.94 0.80 -21.50
C SER B 358 6.46 0.37 -22.89
N VAL B 359 7.31 -0.39 -23.61
CA VAL B 359 7.03 -0.88 -24.98
C VAL B 359 6.89 -2.42 -24.94
N ILE B 360 5.74 -2.93 -25.40
CA ILE B 360 5.45 -4.37 -25.53
C ILE B 360 5.49 -4.79 -27.00
N PHE B 361 6.27 -5.83 -27.32
CA PHE B 361 6.27 -6.43 -28.66
C PHE B 361 5.41 -7.69 -28.52
N GLU B 362 4.17 -7.59 -29.01
CA GLU B 362 3.20 -8.68 -28.94
C GLU B 362 2.32 -8.82 -30.21
N GLU B 363 2.56 -9.91 -30.94
CA GLU B 363 1.90 -10.25 -32.20
C GLU B 363 0.55 -10.93 -31.99
N ASP B 364 0.46 -11.74 -30.93
CA ASP B 364 -0.75 -12.49 -30.55
C ASP B 364 -1.83 -11.54 -30.03
N GLU B 365 -2.86 -11.34 -30.83
CA GLU B 365 -3.98 -10.44 -30.57
C GLU B 365 -4.74 -10.76 -29.26
N GLU B 366 -4.97 -12.06 -29.00
CA GLU B 366 -5.65 -12.63 -27.83
C GLU B 366 -4.92 -12.34 -26.50
N ILE B 367 -3.64 -12.70 -26.45
CA ILE B 367 -2.76 -12.46 -25.29
C ILE B 367 -2.63 -10.96 -24.99
N PHE B 368 -2.44 -10.15 -26.04
CA PHE B 368 -2.34 -8.69 -25.86
C PHE B 368 -3.62 -8.06 -25.28
N GLU B 369 -4.76 -8.45 -25.85
CA GLU B 369 -6.09 -7.97 -25.44
C GLU B 369 -6.39 -8.33 -23.98
N SER B 370 -5.96 -9.51 -23.52
CA SER B 370 -6.14 -9.92 -22.13
C SER B 370 -5.30 -9.06 -21.20
N LEU B 371 -4.06 -8.73 -21.61
CA LEU B 371 -3.16 -7.85 -20.86
C LEU B 371 -3.73 -6.43 -20.73
N LYS B 372 -4.17 -5.88 -21.87
CA LYS B 372 -4.78 -4.56 -21.97
C LYS B 372 -6.00 -4.39 -21.05
N THR B 373 -6.90 -5.38 -21.00
CA THR B 373 -8.07 -5.22 -20.15
C THR B 373 -7.77 -5.33 -18.66
N ARG B 374 -6.86 -6.24 -18.29
CA ARG B 374 -6.48 -6.40 -16.91
C ARG B 374 -5.62 -5.22 -16.42
N LEU B 375 -4.79 -4.63 -17.28
CA LEU B 375 -4.03 -3.41 -16.92
C LEU B 375 -4.95 -2.20 -16.68
N LEU B 376 -6.03 -2.09 -17.47
CA LEU B 376 -7.05 -1.04 -17.31
C LEU B 376 -7.82 -1.21 -16.00
N LEU B 377 -8.11 -2.45 -15.63
CA LEU B 377 -8.85 -2.74 -14.41
C LEU B 377 -8.02 -2.53 -13.14
N ILE B 378 -6.79 -3.02 -13.15
CA ILE B 378 -5.89 -2.94 -11.99
C ILE B 378 -5.20 -1.58 -11.80
N ALA B 379 -4.58 -1.06 -12.87
CA ALA B 379 -3.78 0.17 -12.78
C ALA B 379 -4.41 1.45 -13.37
N GLU B 380 -5.62 1.36 -13.95
CA GLU B 380 -6.30 2.47 -14.67
C GLU B 380 -5.35 3.09 -15.70
N GLU B 381 -4.63 2.24 -16.42
CA GLU B 381 -3.69 2.65 -17.47
C GLU B 381 -4.06 1.97 -18.80
N GLU B 382 -3.92 2.70 -19.90
CA GLU B 382 -4.18 2.19 -21.24
C GLU B 382 -2.87 1.88 -21.97
N ILE B 383 -2.96 1.02 -22.98
CA ILE B 383 -1.84 0.71 -23.86
C ILE B 383 -2.27 1.26 -25.22
N ILE B 384 -1.46 2.15 -25.79
CA ILE B 384 -1.75 2.74 -27.09
C ILE B 384 -1.07 1.95 -28.21
N GLU B 385 -1.53 2.14 -29.45
CA GLU B 385 -0.91 1.48 -30.59
C GLU B 385 0.30 2.27 -31.06
N GLU B 386 1.25 1.59 -31.70
CA GLU B 386 2.47 2.21 -32.21
C GLU B 386 2.21 3.53 -32.97
N ALA B 387 1.20 3.54 -33.86
CA ALA B 387 0.84 4.70 -34.70
C ALA B 387 0.40 5.94 -33.91
N GLU B 388 -0.09 5.73 -32.68
CA GLU B 388 -0.51 6.82 -31.79
C GLU B 388 0.65 7.41 -30.99
N ALA B 389 1.78 6.70 -30.90
CA ALA B 389 2.98 7.14 -30.14
C ALA B 389 3.87 8.12 -30.90
N ASN B 390 4.20 9.23 -30.24
CA ASN B 390 5.13 10.23 -30.79
C ASN B 390 6.41 9.98 -30.01
N TRP B 391 7.34 9.26 -30.64
CA TRP B 391 8.58 8.81 -30.01
C TRP B 391 9.49 9.93 -29.56
N LYS B 392 9.57 10.98 -30.38
CA LYS B 392 10.39 12.15 -30.11
C LYS B 392 9.90 12.90 -28.87
N GLU B 393 8.57 13.05 -28.76
CA GLU B 393 7.94 13.71 -27.61
C GLU B 393 8.09 12.90 -26.32
N LEU B 394 8.00 11.58 -26.44
CA LEU B 394 8.18 10.66 -25.31
C LEU B 394 9.61 10.72 -24.77
N VAL B 395 10.60 10.62 -25.67
CA VAL B 395 12.02 10.76 -25.32
C VAL B 395 12.26 12.10 -24.64
N HIS B 396 11.65 13.17 -25.19
CA HIS B 396 11.72 14.51 -24.60
C HIS B 396 11.16 14.56 -23.16
N GLU B 397 9.99 13.96 -22.91
CA GLU B 397 9.37 13.89 -21.58
C GLU B 397 10.21 13.08 -20.58
N VAL B 398 10.83 12.00 -21.05
CA VAL B 398 11.73 11.17 -20.24
C VAL B 398 12.97 11.97 -19.79
N GLU B 399 13.57 12.71 -20.73
CA GLU B 399 14.77 13.53 -20.51
C GLU B 399 14.50 14.81 -19.74
N GLU B 400 13.40 15.48 -20.08
CA GLU B 400 13.03 16.74 -19.42
C GLU B 400 12.68 16.55 -17.93
N SER B 401 11.94 15.48 -17.61
CA SER B 401 11.53 15.22 -16.23
C SER B 401 12.71 14.86 -15.31
N ARG B 402 13.69 14.11 -15.84
CA ARG B 402 14.92 13.72 -15.12
C ARG B 402 15.88 14.91 -14.91
N ARG B 403 15.86 15.86 -15.85
CA ARG B 403 16.61 17.11 -15.80
C ARG B 403 16.06 17.99 -14.66
N ARG B 404 14.73 18.14 -14.60
CA ARG B 404 14.03 18.86 -13.52
C ARG B 404 14.27 18.19 -12.17
N SER B 405 14.32 16.86 -12.20
CA SER B 405 14.54 16.00 -11.03
C SER B 405 15.88 16.26 -10.32
N GLU B 406 16.92 16.52 -11.12
CA GLU B 406 18.28 16.82 -10.67
C GLU B 406 18.41 18.21 -9.99
N ARG B 407 17.56 19.15 -10.43
CA ARG B 407 17.48 20.53 -9.91
C ARG B 407 16.78 20.60 -8.55
P1 POP C . 0.56 24.99 -7.89
O1 POP C . -0.79 25.52 -7.33
O2 POP C . 1.02 23.62 -7.39
O3 POP C . 1.59 26.06 -7.51
O POP C . 0.61 24.94 -9.54
P2 POP C . 0.24 26.14 -10.63
O4 POP C . -1.31 26.05 -10.83
O5 POP C . 1.04 26.08 -11.95
O6 POP C . 0.67 27.46 -9.97
CL CL D . -4.86 30.31 -17.37
#